data_8GT7
#
_entry.id   8GT7
#
_cell.length_a   118.461
_cell.length_b   119.620
_cell.length_c   65.016
_cell.angle_alpha   90.000
_cell.angle_beta   90.000
_cell.angle_gamma   90.000
#
_symmetry.space_group_name_H-M   'P 21 21 21'
#
loop_
_entity.id
_entity.type
_entity.pdbx_description
1 polymer 'Cysteine proteinase falcipain 2a'
2 polymer Cystatin-A
3 polymer LYS-GLU-ILE-VAL-ASN-PRO-LEU-THR-LYS
4 polymer VAL-ASN-PRO-LEU-THR-LYS-LYS-GLY-GLU
5 non-polymer GLYCEROL
6 non-polymer 'SODIUM ION'
7 non-polymer 'TETRAETHYLENE GLYCOL'
8 non-polymer 'SULFATE ION'
9 non-polymer DI(HYDROXYETHYL)ETHER
10 non-polymer 3,6,9,12,15,18,21-HEPTAOXATRICOSANE-1,23-DIOL
11 non-polymer 1,2-ETHANEDIOL
12 water water
#
loop_
_entity_poly.entity_id
_entity_poly.type
_entity_poly.pdbx_seq_one_letter_code
_entity_poly.pdbx_strand_id
1 'polypeptide(L)'
;QMNYEEVIKKYKGNENFDHAAYDWRLHSGVTPVKDQKNCGSCWAFSSIGSVESQYAIRKNKLITLSEQELVDCSFKNYGC
NGGLINNAFEDMIELGGICTDDDYPYVSDAPNLCNIDRCTEKYGIKNYLSVPDNKLKEALRFLGPISISVAVSDDFAFYK
EGIFDGECGDQLNHAVMLVGFGMKEIVNPLTKKGEKHYYYIIKNSWGQQWGERGFINIETDESGLMRKCGLGTDAFIPLI
E
;
A,C
2 'polypeptide(L)'
;MIPGGLSEAKPATPEIQEIVDKVKPQLEEKTNETYGKLEAVQYKTQVVAGTNYYIKVRAGDNKYMHLRVFKSLPGQNEDL
VLTGYQVDKNKDDELTGF
;
B,D
3 'polypeptide(L)' KEIVNPLTK E
4 'polypeptide(L)' VNPLTKKGE F
#
# COMPACT_ATOMS: atom_id res chain seq x y z
N GLN A 1 -21.40 -2.33 27.81
CA GLN A 1 -22.04 -2.80 29.04
C GLN A 1 -21.20 -3.89 29.72
N MET A 2 -21.20 -5.10 29.15
CA MET A 2 -20.50 -6.24 29.72
C MET A 2 -18.99 -6.02 29.71
N ASN A 3 -18.26 -6.82 30.50
CA ASN A 3 -16.82 -6.62 30.61
C ASN A 3 -16.11 -7.96 30.81
N TYR A 4 -14.80 -7.87 31.10
CA TYR A 4 -13.90 -9.01 31.22
C TYR A 4 -14.12 -9.76 32.52
N GLU A 5 -15.37 -9.99 32.88
CA GLU A 5 -15.66 -10.66 34.15
C GLU A 5 -15.97 -12.12 33.92
N GLU A 6 -16.54 -12.40 32.76
CA GLU A 6 -16.92 -13.75 32.36
C GLU A 6 -16.57 -13.99 30.89
N VAL A 7 -15.76 -13.14 30.26
CA VAL A 7 -15.51 -13.19 28.82
C VAL A 7 -14.08 -13.62 28.50
N ILE A 8 -13.08 -12.99 29.12
CA ILE A 8 -11.72 -13.49 28.91
C ILE A 8 -11.59 -14.90 29.47
N LYS A 9 -12.45 -15.23 30.44
CA LYS A 9 -12.47 -16.46 31.21
C LYS A 9 -12.13 -17.70 30.39
N LYS A 10 -12.78 -17.86 29.23
CA LYS A 10 -12.54 -19.02 28.39
C LYS A 10 -11.21 -18.96 27.65
N TYR A 11 -10.77 -17.79 27.19
CA TYR A 11 -9.61 -17.74 26.31
C TYR A 11 -8.29 -17.72 27.09
N LYS A 12 -8.05 -16.64 27.85
CA LYS A 12 -6.89 -16.54 28.72
C LYS A 12 -7.36 -16.32 30.16
N GLY A 13 -8.35 -17.11 30.57
CA GLY A 13 -8.82 -17.24 31.93
C GLY A 13 -8.47 -18.62 32.47
N ASN A 14 -9.40 -19.57 32.27
CA ASN A 14 -9.14 -20.99 32.51
C ASN A 14 -7.79 -21.44 31.97
N GLU A 15 -7.25 -20.75 30.96
CA GLU A 15 -5.89 -20.98 30.50
C GLU A 15 -5.06 -19.70 30.68
N ASN A 16 -3.81 -19.86 31.10
CA ASN A 16 -2.79 -18.83 30.97
C ASN A 16 -2.01 -19.10 29.69
N PHE A 17 -1.27 -18.10 29.20
CA PHE A 17 -0.64 -18.16 27.87
C PHE A 17 0.71 -17.48 27.94
N ASP A 18 1.29 -17.19 26.78
CA ASP A 18 2.55 -16.45 26.74
C ASP A 18 2.87 -16.05 25.30
N HIS A 19 3.46 -14.87 25.11
CA HIS A 19 4.18 -14.60 23.87
C HIS A 19 4.94 -13.28 23.98
N ALA A 20 5.74 -13.04 22.95
CA ALA A 20 6.47 -11.79 22.77
C ALA A 20 6.07 -11.05 21.51
N ALA A 21 5.40 -11.69 20.55
CA ALA A 21 5.12 -11.05 19.28
C ALA A 21 3.98 -11.80 18.62
N TYR A 22 2.79 -11.18 18.55
CA TYR A 22 1.62 -11.83 17.93
C TYR A 22 0.75 -10.75 17.29
N ASP A 23 0.68 -10.78 15.97
CA ASP A 23 -0.10 -9.84 15.15
C ASP A 23 -1.27 -10.59 14.55
N TRP A 24 -2.51 -10.16 14.85
CA TRP A 24 -3.61 -10.83 14.14
C TRP A 24 -3.64 -10.51 12.61
N ARG A 25 -2.66 -9.77 12.07
CA ARG A 25 -2.61 -9.39 10.66
C ARG A 25 -1.76 -10.33 9.81
N LEU A 26 -0.71 -10.93 10.38
CA LEU A 26 -0.01 -12.03 9.75
C LEU A 26 -0.64 -13.36 10.12
N HIS A 27 -1.91 -13.32 10.51
CA HIS A 27 -2.61 -14.44 11.14
C HIS A 27 -4.04 -14.56 10.63
N SER A 28 -4.23 -14.39 9.32
CA SER A 28 -5.53 -14.61 8.65
C SER A 28 -6.70 -13.97 9.40
N GLY A 29 -6.50 -12.75 9.93
CA GLY A 29 -7.64 -12.06 10.51
C GLY A 29 -8.03 -10.62 10.19
N VAL A 30 -7.07 -9.70 9.95
CA VAL A 30 -7.46 -8.30 9.78
C VAL A 30 -7.63 -7.98 8.30
N THR A 31 -8.30 -6.86 8.06
CA THR A 31 -9.04 -6.44 6.88
C THR A 31 -8.41 -5.13 6.40
N PRO A 32 -9.00 -4.36 5.44
CA PRO A 32 -8.24 -3.22 4.89
C PRO A 32 -8.33 -1.94 5.72
N VAL A 33 -7.27 -1.10 5.65
CA VAL A 33 -7.31 0.27 6.14
C VAL A 33 -7.94 1.18 5.07
N LYS A 34 -8.59 2.25 5.50
CA LYS A 34 -9.35 3.17 4.65
C LYS A 34 -9.17 4.58 5.20
N ASP A 35 -10.05 5.52 4.82
CA ASP A 35 -9.83 6.91 5.18
C ASP A 35 -11.10 7.59 5.66
N GLN A 36 -10.88 8.78 6.25
CA GLN A 36 -11.92 9.65 6.78
C GLN A 36 -12.01 10.98 6.04
N LYS A 37 -10.88 11.66 5.81
CA LYS A 37 -10.81 12.75 4.85
C LYS A 37 -11.75 13.93 5.05
N ASN A 38 -11.43 14.76 6.06
CA ASN A 38 -11.95 16.10 6.31
C ASN A 38 -13.31 16.09 6.97
N CYS A 39 -14.02 14.97 6.84
CA CYS A 39 -15.22 14.75 7.62
C CYS A 39 -14.80 14.28 9.00
N GLY A 40 -15.45 14.80 10.02
CA GLY A 40 -14.92 14.67 11.37
C GLY A 40 -15.04 13.25 11.90
N SER A 41 -15.04 12.29 10.99
CA SER A 41 -15.36 10.91 11.29
C SER A 41 -14.12 10.02 11.31
N CYS A 42 -13.52 9.86 12.49
CA CYS A 42 -12.49 8.85 12.69
C CYS A 42 -13.05 7.58 13.30
N TRP A 43 -14.15 7.71 14.04
CA TRP A 43 -14.78 6.62 14.78
C TRP A 43 -15.36 5.56 13.85
N ALA A 44 -15.89 5.98 12.69
CA ALA A 44 -16.53 5.02 11.79
C ALA A 44 -15.53 3.94 11.34
N PHE A 45 -14.31 4.34 10.99
CA PHE A 45 -13.35 3.33 10.53
C PHE A 45 -13.09 2.30 11.62
N SER A 46 -12.84 2.74 12.84
CA SER A 46 -12.52 1.83 13.92
C SER A 46 -13.62 0.78 14.08
N SER A 47 -14.86 1.23 14.23
CA SER A 47 -15.96 0.30 14.46
C SER A 47 -16.11 -0.70 13.32
N ILE A 48 -16.20 -0.21 12.08
CA ILE A 48 -16.48 -1.14 10.98
C ILE A 48 -15.27 -2.04 10.72
N GLY A 49 -14.06 -1.53 10.87
CA GLY A 49 -12.91 -2.41 10.81
C GLY A 49 -12.98 -3.50 11.86
N SER A 50 -13.45 -3.13 13.06
CA SER A 50 -13.54 -4.06 14.17
C SER A 50 -14.44 -5.25 13.84
N VAL A 51 -15.62 -4.98 13.29
CA VAL A 51 -16.55 -6.07 12.99
C VAL A 51 -16.01 -6.92 11.84
N GLU A 52 -15.43 -6.28 10.82
CA GLU A 52 -14.75 -7.05 9.79
C GLU A 52 -13.77 -8.04 10.41
N SER A 53 -12.91 -7.53 11.29
CA SER A 53 -11.86 -8.35 11.88
C SER A 53 -12.42 -9.61 12.51
N GLN A 54 -13.38 -9.47 13.44
CA GLN A 54 -13.78 -10.64 14.21
C GLN A 54 -14.47 -11.70 13.37
N TYR A 55 -15.32 -11.29 12.41
CA TYR A 55 -15.91 -12.26 11.50
C TYR A 55 -14.83 -13.11 10.84
N ALA A 56 -13.78 -12.47 10.33
CA ALA A 56 -12.70 -13.20 9.65
C ALA A 56 -11.79 -13.93 10.62
N ILE A 57 -11.63 -13.45 11.86
CA ILE A 57 -10.82 -14.20 12.81
C ILE A 57 -11.59 -15.38 13.41
N ARG A 58 -12.91 -15.40 13.31
CA ARG A 58 -13.64 -16.51 13.89
C ARG A 58 -14.09 -17.56 12.89
N LYS A 59 -15.03 -17.20 12.00
CA LYS A 59 -15.52 -18.10 10.98
C LYS A 59 -14.83 -17.85 9.65
N ASN A 60 -13.77 -17.03 9.68
CA ASN A 60 -12.89 -16.74 8.55
C ASN A 60 -13.65 -16.48 7.26
N LYS A 61 -14.74 -15.73 7.36
CA LYS A 61 -15.45 -15.21 6.21
C LYS A 61 -15.24 -13.70 6.23
N LEU A 62 -14.56 -13.18 5.21
CA LEU A 62 -14.19 -11.77 5.18
C LEU A 62 -15.38 -10.91 4.85
N ILE A 63 -15.47 -9.74 5.50
CA ILE A 63 -16.38 -8.68 5.12
C ILE A 63 -15.62 -7.37 5.13
N THR A 64 -15.88 -6.53 4.14
CA THR A 64 -15.53 -5.11 4.17
C THR A 64 -16.80 -4.35 4.49
N LEU A 65 -16.91 -3.81 5.70
CA LEU A 65 -18.12 -3.13 6.13
C LEU A 65 -18.00 -1.64 5.92
N SER A 66 -19.14 -0.97 5.98
CA SER A 66 -19.28 0.37 5.46
C SER A 66 -19.38 1.40 6.57
N GLU A 67 -18.70 2.52 6.36
CA GLU A 67 -18.68 3.67 7.26
C GLU A 67 -19.56 4.81 6.79
N GLN A 68 -20.45 4.59 5.81
CA GLN A 68 -21.47 5.60 5.51
C GLN A 68 -22.84 5.21 6.02
N GLU A 69 -23.09 3.93 6.27
CA GLU A 69 -24.22 3.50 7.08
C GLU A 69 -24.00 3.80 8.56
N LEU A 70 -22.97 4.60 8.83
CA LEU A 70 -22.52 5.09 10.12
C LEU A 70 -21.88 6.42 9.73
N VAL A 71 -22.18 7.50 10.46
CA VAL A 71 -21.66 8.88 10.28
C VAL A 71 -22.88 9.74 10.06
N ASP A 72 -23.87 9.16 9.38
CA ASP A 72 -25.15 9.77 9.08
C ASP A 72 -26.32 8.96 9.60
N CYS A 73 -26.10 7.73 10.05
CA CYS A 73 -27.12 6.95 10.76
C CYS A 73 -26.97 7.00 12.26
N SER A 74 -25.97 7.73 12.77
CA SER A 74 -25.85 8.00 14.19
C SER A 74 -27.20 8.43 14.74
N PHE A 75 -27.70 7.67 15.71
CA PHE A 75 -28.89 7.99 16.48
C PHE A 75 -28.55 8.54 17.86
N LYS A 76 -27.40 8.15 18.41
CA LYS A 76 -26.90 8.65 19.67
C LYS A 76 -25.48 9.25 19.56
N ASN A 77 -24.74 8.96 18.47
CA ASN A 77 -23.44 9.57 18.22
C ASN A 77 -23.63 10.87 17.42
N TYR A 78 -22.51 11.55 17.12
CA TYR A 78 -22.55 12.92 16.59
C TYR A 78 -22.52 13.01 15.06
N GLY A 79 -21.45 12.52 14.41
CA GLY A 79 -21.45 12.51 12.95
C GLY A 79 -20.18 12.93 12.22
N CYS A 80 -20.31 13.80 11.23
CA CYS A 80 -19.18 14.28 10.41
C CYS A 80 -18.43 15.45 11.04
N ASN A 81 -18.63 15.70 12.34
CA ASN A 81 -17.76 16.60 13.09
C ASN A 81 -17.13 15.92 14.29
N GLY A 82 -17.50 14.68 14.57
CA GLY A 82 -16.99 13.94 15.72
C GLY A 82 -17.90 12.77 16.02
N GLY A 83 -17.42 11.88 16.87
CA GLY A 83 -18.19 10.70 17.22
C GLY A 83 -17.46 9.81 18.21
N LEU A 84 -18.17 8.78 18.66
CA LEU A 84 -17.74 7.96 19.81
C LEU A 84 -17.86 6.49 19.46
N ILE A 85 -16.73 5.78 19.34
CA ILE A 85 -16.75 4.36 19.03
C ILE A 85 -17.48 3.57 20.10
N ASN A 86 -17.44 4.03 21.35
CA ASN A 86 -18.18 3.40 22.43
C ASN A 86 -19.64 3.21 22.04
N ASN A 87 -20.24 4.23 21.45
CA ASN A 87 -21.66 4.24 21.14
C ASN A 87 -21.97 3.96 19.67
N ALA A 88 -21.02 4.18 18.76
CA ALA A 88 -21.18 3.69 17.41
C ALA A 88 -21.30 2.17 17.42
N PHE A 89 -20.53 1.51 18.30
CA PHE A 89 -20.72 0.09 18.54
C PHE A 89 -22.17 -0.22 18.86
N GLU A 90 -22.80 0.55 19.76
CA GLU A 90 -24.14 0.24 20.26
C GLU A 90 -25.25 0.72 19.36
N ASP A 91 -25.04 1.79 18.59
CA ASP A 91 -26.02 2.12 17.58
C ASP A 91 -26.17 0.96 16.61
N MET A 92 -25.11 0.19 16.41
CA MET A 92 -25.14 -1.02 15.62
C MET A 92 -25.88 -2.17 16.30
N ILE A 93 -25.99 -2.17 17.63
CA ILE A 93 -26.66 -3.26 18.33
C ILE A 93 -28.10 -2.86 18.62
N GLU A 94 -28.59 -1.88 17.88
CA GLU A 94 -30.02 -1.63 17.81
C GLU A 94 -30.56 -1.65 16.39
N LEU A 95 -29.69 -1.61 15.38
CA LEU A 95 -30.15 -1.55 13.99
C LEU A 95 -30.49 -2.92 13.41
N GLY A 96 -29.50 -3.80 13.31
CA GLY A 96 -29.71 -5.10 12.68
C GLY A 96 -28.54 -5.51 11.80
N GLY A 97 -27.73 -4.54 11.40
CA GLY A 97 -26.57 -4.84 10.61
C GLY A 97 -25.97 -3.58 10.03
N ILE A 98 -24.76 -3.74 9.48
CA ILE A 98 -24.07 -2.68 8.75
C ILE A 98 -23.87 -3.15 7.32
N CYS A 99 -24.14 -2.25 6.38
CA CYS A 99 -24.00 -2.55 4.97
C CYS A 99 -22.54 -2.84 4.64
N THR A 100 -22.33 -3.75 3.70
CA THR A 100 -20.99 -3.99 3.19
C THR A 100 -20.46 -2.72 2.51
N ASP A 101 -19.13 -2.60 2.46
CA ASP A 101 -18.48 -1.34 2.09
C ASP A 101 -19.00 -0.81 0.76
N ASP A 102 -19.34 -1.72 -0.16
CA ASP A 102 -19.71 -1.41 -1.53
C ASP A 102 -21.19 -1.68 -1.80
N ASP A 103 -21.96 -1.93 -0.74
CA ASP A 103 -23.42 -1.91 -0.78
C ASP A 103 -23.99 -0.57 -0.32
N TYR A 104 -23.11 0.37 0.13
CA TYR A 104 -23.39 1.74 0.56
C TYR A 104 -22.10 2.56 0.55
N PRO A 105 -21.80 3.30 -0.55
CA PRO A 105 -20.46 3.91 -0.73
C PRO A 105 -20.09 5.02 0.24
N TYR A 106 -18.88 5.61 0.10
CA TYR A 106 -18.39 6.68 0.98
C TYR A 106 -17.95 7.88 0.14
N VAL A 107 -18.13 9.08 0.66
CA VAL A 107 -17.95 10.32 -0.10
C VAL A 107 -16.71 11.11 0.37
N SER A 108 -16.91 12.03 1.31
CA SER A 108 -15.89 12.76 2.09
C SER A 108 -16.64 13.79 2.89
N ASP A 109 -15.94 14.85 3.31
CA ASP A 109 -16.67 16.02 3.80
C ASP A 109 -17.49 16.63 2.67
N ALA A 110 -18.72 16.13 2.50
CA ALA A 110 -19.76 16.54 1.55
C ALA A 110 -21.09 16.05 2.12
N PRO A 111 -22.10 16.90 2.19
CA PRO A 111 -23.35 16.55 2.89
C PRO A 111 -24.26 15.49 2.27
N ASN A 112 -24.00 14.20 2.55
CA ASN A 112 -24.85 13.09 2.13
C ASN A 112 -25.76 12.61 3.29
N LEU A 113 -26.43 11.46 3.08
CA LEU A 113 -27.60 11.03 3.87
C LEU A 113 -27.48 9.56 4.30
N CYS A 114 -28.50 9.05 5.01
CA CYS A 114 -28.45 7.68 5.52
C CYS A 114 -29.74 6.90 5.29
N ASN A 115 -29.58 5.65 4.86
CA ASN A 115 -30.62 4.64 4.71
C ASN A 115 -30.10 3.35 5.30
N ILE A 116 -30.99 2.57 5.93
CA ILE A 116 -30.62 1.24 6.41
C ILE A 116 -31.36 0.12 5.69
N ASP A 117 -32.38 0.41 4.89
CA ASP A 117 -33.08 -0.61 4.12
C ASP A 117 -32.66 -0.64 2.67
N ARG A 118 -31.45 -0.20 2.38
CA ARG A 118 -30.78 -0.47 1.12
C ARG A 118 -29.83 -1.64 1.29
N CYS A 119 -30.20 -2.57 2.18
CA CYS A 119 -29.39 -3.75 2.46
C CYS A 119 -30.28 -4.90 2.92
N THR A 120 -29.79 -6.11 2.69
CA THR A 120 -30.27 -7.27 3.40
C THR A 120 -29.12 -7.94 4.16
N GLU A 121 -27.92 -7.35 4.11
CA GLU A 121 -26.78 -7.91 4.81
C GLU A 121 -26.88 -7.65 6.31
N LYS A 122 -26.95 -8.73 7.08
CA LYS A 122 -27.13 -8.67 8.53
C LYS A 122 -25.79 -8.81 9.25
N TYR A 123 -24.86 -7.91 8.94
CA TYR A 123 -23.51 -8.01 9.51
C TYR A 123 -23.51 -7.29 10.85
N GLY A 124 -23.77 -8.05 11.92
CA GLY A 124 -24.07 -7.47 13.21
C GLY A 124 -23.32 -8.16 14.34
N ILE A 125 -23.49 -7.60 15.53
CA ILE A 125 -22.91 -8.09 16.77
C ILE A 125 -24.04 -8.32 17.76
N LYS A 126 -23.92 -9.39 18.55
CA LYS A 126 -24.94 -9.66 19.58
C LYS A 126 -24.78 -8.74 20.78
N ASN A 127 -23.55 -8.34 21.09
CA ASN A 127 -23.23 -7.37 22.14
C ASN A 127 -21.75 -7.03 22.04
N TYR A 128 -21.27 -6.19 22.94
CA TYR A 128 -19.86 -5.80 22.94
C TYR A 128 -19.41 -5.62 24.39
N LEU A 129 -18.09 -5.67 24.59
CA LEU A 129 -17.50 -5.62 25.93
C LEU A 129 -16.49 -4.49 26.00
N SER A 130 -16.26 -4.01 27.24
CA SER A 130 -15.42 -2.86 27.51
C SER A 130 -14.06 -3.30 28.07
N VAL A 131 -13.01 -2.76 27.49
CA VAL A 131 -11.64 -3.22 27.64
C VAL A 131 -10.86 -2.19 28.46
N PRO A 132 -10.27 -2.58 29.58
CA PRO A 132 -9.62 -1.61 30.47
C PRO A 132 -8.40 -0.97 29.80
N ASP A 133 -7.88 0.05 30.48
CA ASP A 133 -6.66 0.73 30.05
C ASP A 133 -5.47 -0.19 30.13
N ASN A 134 -5.40 -1.06 31.13
CA ASN A 134 -4.14 -1.73 31.44
CA ASN A 134 -4.14 -1.73 31.44
C ASN A 134 -3.90 -2.94 30.55
N LYS A 135 -4.94 -3.77 30.32
CA LYS A 135 -4.73 -4.99 29.54
C LYS A 135 -4.90 -4.71 28.05
N LEU A 136 -3.77 -4.45 27.35
CA LEU A 136 -3.80 -4.13 25.93
C LEU A 136 -2.68 -4.78 25.12
N LYS A 137 -1.80 -5.57 25.74
CA LYS A 137 -0.87 -6.46 25.04
C LYS A 137 -1.38 -7.89 25.06
N GLU A 138 -2.52 -8.09 25.68
CA GLU A 138 -3.16 -9.40 25.78
C GLU A 138 -4.62 -9.29 25.42
N ALA A 139 -5.07 -8.10 25.01
CA ALA A 139 -6.40 -7.84 24.49
C ALA A 139 -6.46 -7.98 22.98
N LEU A 140 -5.34 -7.73 22.30
CA LEU A 140 -5.19 -7.85 20.85
C LEU A 140 -4.66 -9.23 20.44
N ARG A 141 -4.66 -10.18 21.34
CA ARG A 141 -3.97 -11.46 21.17
C ARG A 141 -4.92 -12.66 21.24
N PHE A 142 -5.83 -12.68 22.22
CA PHE A 142 -6.87 -13.69 22.31
C PHE A 142 -8.27 -13.18 21.98
N LEU A 143 -8.59 -11.92 22.31
CA LEU A 143 -9.91 -11.36 22.10
C LEU A 143 -10.05 -10.55 20.81
N GLY A 144 -8.96 -10.29 20.10
CA GLY A 144 -9.04 -9.63 18.82
C GLY A 144 -8.53 -8.20 18.85
N PRO A 145 -8.31 -7.60 17.68
CA PRO A 145 -7.87 -6.20 17.64
C PRO A 145 -8.91 -5.30 18.29
N ILE A 146 -8.47 -4.56 19.31
CA ILE A 146 -9.36 -3.67 20.06
C ILE A 146 -9.33 -2.30 19.39
N SER A 147 -10.52 -1.70 19.26
CA SER A 147 -10.72 -0.42 18.57
C SER A 147 -10.33 0.71 19.52
N ILE A 148 -9.02 0.96 19.59
CA ILE A 148 -8.41 1.93 20.50
C ILE A 148 -8.64 3.36 20.05
N SER A 149 -8.11 4.30 20.82
CA SER A 149 -7.99 5.69 20.40
C SER A 149 -6.58 6.19 20.70
N VAL A 150 -6.16 7.26 20.00
CA VAL A 150 -4.79 7.77 20.05
C VAL A 150 -4.84 9.29 20.15
N ALA A 151 -3.65 9.90 20.24
CA ALA A 151 -3.49 11.34 20.26
C ALA A 151 -2.77 11.78 18.99
N VAL A 152 -2.83 13.07 18.72
CA VAL A 152 -2.43 13.62 17.42
C VAL A 152 -1.60 14.87 17.66
N SER A 153 -0.41 14.92 17.07
CA SER A 153 0.64 15.85 17.46
C SER A 153 0.99 16.89 16.42
N ASP A 154 0.80 16.54 15.14
CA ASP A 154 1.44 17.07 13.93
C ASP A 154 2.79 16.44 13.66
N ASP A 155 3.33 15.72 14.65
CA ASP A 155 4.46 14.83 14.42
C ASP A 155 3.94 13.48 13.96
N PHE A 156 2.85 13.06 14.60
CA PHE A 156 2.18 11.81 14.32
C PHE A 156 1.86 11.66 12.85
N ALA A 157 1.28 12.71 12.24
CA ALA A 157 0.85 12.61 10.85
C ALA A 157 2.00 12.35 9.89
N PHE A 158 3.23 12.67 10.28
CA PHE A 158 4.38 12.43 9.43
C PHE A 158 4.97 11.07 9.75
N TYR A 159 5.00 10.19 8.76
CA TYR A 159 5.37 8.79 8.92
C TYR A 159 6.69 8.50 8.24
N LYS A 160 7.18 7.28 8.45
CA LYS A 160 8.25 6.65 7.68
C LYS A 160 8.24 5.20 8.10
N GLU A 161 9.22 4.42 7.61
CA GLU A 161 9.30 3.01 7.98
C GLU A 161 10.17 2.91 9.24
N GLY A 162 9.55 3.22 10.39
CA GLY A 162 10.27 3.16 11.65
C GLY A 162 9.33 3.26 12.84
N ILE A 163 9.93 3.18 14.03
CA ILE A 163 9.22 3.29 15.31
C ILE A 163 9.31 4.74 15.77
N PHE A 164 8.26 5.22 16.45
CA PHE A 164 8.17 6.63 16.80
C PHE A 164 9.08 6.95 17.97
N ASP A 165 10.12 7.73 17.68
CA ASP A 165 11.02 8.33 18.65
C ASP A 165 10.85 9.84 18.57
N GLY A 166 9.60 10.30 18.56
CA GLY A 166 9.28 11.71 18.58
C GLY A 166 8.18 12.00 19.58
N GLU A 167 7.89 13.29 19.74
CA GLU A 167 6.99 13.76 20.79
C GLU A 167 5.54 13.57 20.35
N CYS A 168 4.59 14.15 21.10
CA CYS A 168 3.20 13.74 20.94
C CYS A 168 2.28 14.94 21.08
N GLY A 169 0.98 14.65 21.18
CA GLY A 169 -0.03 15.67 21.08
C GLY A 169 -0.32 16.37 22.38
N ASP A 170 -1.10 17.44 22.26
CA ASP A 170 -1.53 18.21 23.41
C ASP A 170 -2.88 17.76 23.95
N GLN A 171 -3.52 16.78 23.31
CA GLN A 171 -4.67 16.07 23.85
C GLN A 171 -4.90 14.80 23.03
N LEU A 172 -5.63 13.87 23.62
CA LEU A 172 -5.95 12.58 23.00
C LEU A 172 -7.19 12.71 22.13
N ASN A 173 -7.06 13.42 21.01
CA ASN A 173 -8.16 13.69 20.09
C ASN A 173 -8.04 12.91 18.77
N HIS A 174 -8.19 11.59 18.83
CA HIS A 174 -8.22 10.76 17.62
C HIS A 174 -8.70 9.36 18.00
N ALA A 175 -8.89 8.51 16.98
CA ALA A 175 -9.39 7.14 17.18
C ALA A 175 -8.78 6.18 16.17
N VAL A 176 -8.02 5.19 16.66
CA VAL A 176 -7.34 4.19 15.82
C VAL A 176 -7.63 2.79 16.35
N MET A 177 -6.83 1.82 15.91
CA MET A 177 -6.97 0.43 16.32
C MET A 177 -5.62 -0.11 16.76
N LEU A 178 -5.64 -1.29 17.41
CA LEU A 178 -4.43 -1.99 17.82
C LEU A 178 -4.51 -3.43 17.34
N VAL A 179 -3.49 -3.89 16.62
CA VAL A 179 -3.53 -5.23 16.05
C VAL A 179 -2.56 -6.18 16.76
N GLY A 180 -1.41 -5.67 17.21
CA GLY A 180 -0.43 -6.54 17.86
C GLY A 180 0.85 -5.93 18.40
N PHE A 181 1.91 -6.74 18.50
CA PHE A 181 3.17 -6.30 19.09
C PHE A 181 4.31 -7.19 18.59
N GLY A 182 5.54 -6.90 19.06
CA GLY A 182 6.73 -7.64 18.64
C GLY A 182 8.00 -7.09 19.25
N MET A 183 9.12 -7.77 18.92
CA MET A 183 10.45 -7.46 19.44
C MET A 183 11.47 -7.45 18.31
N LYS A 184 12.41 -6.50 18.33
CA LYS A 184 13.33 -6.28 17.22
C LYS A 184 14.75 -6.13 17.74
N GLU A 185 15.64 -7.05 17.34
CA GLU A 185 17.05 -6.97 17.69
C GLU A 185 17.72 -5.82 16.93
N ILE A 186 18.48 -4.98 17.65
CA ILE A 186 19.02 -3.74 17.11
C ILE A 186 20.40 -3.50 17.71
N VAL A 187 21.05 -2.42 17.28
CA VAL A 187 22.36 -2.00 17.77
C VAL A 187 22.21 -0.72 18.61
N ASN A 188 23.33 -0.25 19.23
CA ASN A 188 23.31 1.08 19.84
C ASN A 188 24.05 2.06 18.94
N PRO A 189 23.48 3.25 18.66
CA PRO A 189 24.12 4.21 17.75
C PRO A 189 25.55 4.60 18.12
N LEU A 190 25.96 4.23 19.32
CA LEU A 190 27.29 4.55 19.84
C LEU A 190 28.07 3.32 20.28
N THR A 191 27.39 2.20 20.52
CA THR A 191 27.94 1.00 21.12
C THR A 191 27.70 -0.17 20.18
N LYS A 192 27.97 -1.37 20.70
CA LYS A 192 27.64 -2.64 20.06
C LYS A 192 26.86 -3.47 21.07
N LYS A 193 25.82 -2.85 21.62
CA LYS A 193 25.07 -3.37 22.74
C LYS A 193 23.82 -4.10 22.26
N GLY A 194 23.42 -5.11 23.03
CA GLY A 194 22.26 -5.93 22.74
C GLY A 194 20.97 -5.23 23.10
N GLU A 195 20.63 -4.17 22.38
CA GLU A 195 19.41 -3.42 22.65
C GLU A 195 18.27 -4.04 21.86
N LYS A 196 17.22 -4.43 22.56
CA LYS A 196 16.04 -5.03 21.97
C LYS A 196 14.87 -4.12 22.32
N HIS A 197 14.27 -3.51 21.30
CA HIS A 197 13.20 -2.53 21.50
C HIS A 197 11.89 -3.14 21.03
N TYR A 198 10.85 -2.97 21.85
CA TYR A 198 9.53 -3.55 21.67
C TYR A 198 8.63 -2.52 20.99
N TYR A 199 7.57 -3.00 20.35
CA TYR A 199 6.66 -2.08 19.68
C TYR A 199 5.21 -2.55 19.81
N TYR A 200 4.34 -1.78 19.16
CA TYR A 200 2.91 -1.99 19.11
C TYR A 200 2.51 -1.78 17.66
N ILE A 201 1.91 -2.78 17.04
CA ILE A 201 1.39 -2.62 15.68
C ILE A 201 -0.05 -2.13 15.79
N ILE A 202 -0.31 -0.92 15.31
CA ILE A 202 -1.63 -0.32 15.31
C ILE A 202 -2.00 -0.10 13.86
N LYS A 203 -3.29 0.01 13.58
CA LYS A 203 -3.69 0.35 12.22
C LYS A 203 -3.80 1.87 12.11
N ASN A 204 -4.38 2.36 11.01
CA ASN A 204 -4.70 3.78 10.93
C ASN A 204 -5.84 3.95 9.95
N SER A 205 -6.53 5.08 10.08
CA SER A 205 -7.59 5.48 9.17
C SER A 205 -7.12 6.59 8.22
N TRP A 206 -5.84 6.91 8.24
CA TRP A 206 -5.19 7.71 7.22
C TRP A 206 -4.77 6.77 6.08
N GLY A 207 -4.37 7.37 4.95
CA GLY A 207 -4.15 6.65 3.70
C GLY A 207 -3.37 5.35 3.80
N GLN A 208 -3.70 4.37 2.97
CA GLN A 208 -2.83 3.22 2.75
C GLN A 208 -1.58 3.60 1.97
N GLN A 209 -1.34 4.91 1.86
CA GLN A 209 -0.09 5.53 1.41
C GLN A 209 0.93 5.61 2.52
N TRP A 210 0.52 5.36 3.76
CA TRP A 210 1.39 5.52 4.91
C TRP A 210 2.38 4.38 4.96
N GLY A 211 3.63 4.71 5.27
CA GLY A 211 4.77 3.82 5.10
C GLY A 211 4.51 2.37 5.42
N GLU A 212 4.10 2.08 6.65
CA GLU A 212 3.82 0.70 7.01
C GLU A 212 2.35 0.34 6.83
N ARG A 213 1.80 0.67 5.65
CA ARG A 213 0.47 0.25 5.19
C ARG A 213 -0.63 0.53 6.20
N GLY A 214 -0.76 1.79 6.61
CA GLY A 214 -1.79 2.09 7.58
C GLY A 214 -1.62 1.31 8.86
N PHE A 215 -0.38 0.94 9.17
CA PHE A 215 0.00 0.34 10.45
C PHE A 215 1.17 1.16 10.97
N ILE A 216 0.95 2.09 11.86
CA ILE A 216 2.06 2.88 12.38
C ILE A 216 2.43 2.41 13.77
N ASN A 217 3.72 2.48 14.09
CA ASN A 217 4.30 1.82 15.25
C ASN A 217 4.93 2.83 16.20
N ILE A 218 4.62 2.68 17.49
CA ILE A 218 4.91 3.68 18.52
C ILE A 218 5.49 2.96 19.73
N GLU A 219 5.70 3.71 20.81
CA GLU A 219 6.49 3.20 21.93
C GLU A 219 5.61 2.45 22.92
N THR A 220 5.95 1.18 23.17
CA THR A 220 5.39 0.39 24.27
C THR A 220 6.33 -0.77 24.55
N ASP A 221 6.33 -1.25 25.79
CA ASP A 221 7.27 -2.29 26.22
C ASP A 221 6.49 -3.46 26.78
N GLU A 222 7.23 -4.47 27.27
CA GLU A 222 6.64 -5.69 27.80
C GLU A 222 5.76 -5.42 29.02
N SER A 223 5.89 -4.24 29.63
CA SER A 223 4.96 -3.86 30.68
C SER A 223 3.54 -3.75 30.15
N GLY A 224 3.37 -3.10 29.00
CA GLY A 224 2.06 -2.81 28.43
C GLY A 224 1.60 -1.38 28.61
N LEU A 225 2.33 -0.54 29.35
CA LEU A 225 1.89 0.83 29.62
C LEU A 225 3.06 1.80 29.55
N MET A 226 3.94 1.65 28.56
CA MET A 226 4.94 2.66 28.25
C MET A 226 4.43 3.67 27.24
N ARG A 227 3.12 3.67 26.99
CA ARG A 227 2.48 4.52 25.98
C ARG A 227 3.04 5.93 25.98
N LYS A 228 3.51 6.38 24.81
CA LYS A 228 4.01 7.72 24.66
C LYS A 228 2.94 8.69 24.14
N CYS A 229 1.78 8.17 23.79
CA CYS A 229 0.67 9.01 23.33
C CYS A 229 -0.66 8.55 23.91
N GLY A 230 -0.65 7.67 24.91
CA GLY A 230 -1.88 7.25 25.57
C GLY A 230 -2.68 6.21 24.82
N LEU A 231 -2.03 5.14 24.37
CA LEU A 231 -2.65 4.17 23.46
C LEU A 231 -3.39 3.11 24.26
N GLY A 232 -4.68 3.34 24.48
CA GLY A 232 -5.48 2.36 25.20
C GLY A 232 -6.50 2.87 26.20
N THR A 233 -6.73 4.18 26.27
CA THR A 233 -7.73 4.67 27.20
C THR A 233 -9.15 4.38 26.69
N ASP A 234 -9.52 4.91 25.52
CA ASP A 234 -10.68 4.36 24.79
C ASP A 234 -10.17 3.21 23.94
N ALA A 235 -10.48 1.98 24.33
CA ALA A 235 -10.05 0.82 23.55
C ALA A 235 -11.02 -0.37 23.50
N PHE A 236 -12.33 -0.15 23.40
CA PHE A 236 -13.27 -1.25 23.54
C PHE A 236 -13.44 -2.00 22.21
N ILE A 237 -14.03 -3.21 22.27
CA ILE A 237 -14.06 -4.13 21.13
C ILE A 237 -15.45 -4.75 21.00
N PRO A 238 -15.93 -5.03 19.78
CA PRO A 238 -17.26 -5.63 19.63
C PRO A 238 -17.23 -7.16 19.68
N LEU A 239 -18.40 -7.75 19.93
CA LEU A 239 -18.51 -9.20 20.15
C LEU A 239 -19.56 -9.80 19.21
N ILE A 240 -19.13 -10.14 17.99
CA ILE A 240 -19.98 -10.90 17.07
C ILE A 240 -20.19 -12.30 17.62
N GLU A 241 -19.17 -12.88 18.24
CA GLU A 241 -19.26 -14.22 18.81
C GLU A 241 -19.34 -14.09 20.32
N MET B 1 -14.81 14.94 26.00
CA MET B 1 -15.32 13.60 26.29
C MET B 1 -15.67 12.82 25.02
N ILE B 2 -15.02 13.12 23.91
CA ILE B 2 -15.26 12.42 22.64
C ILE B 2 -13.95 11.94 22.05
N PRO B 3 -13.86 10.67 21.61
CA PRO B 3 -12.70 10.21 20.88
C PRO B 3 -12.85 10.50 19.30
N GLY B 4 -12.14 11.55 18.92
CA GLY B 4 -12.02 11.83 17.49
C GLY B 4 -13.02 12.88 17.06
N GLY B 5 -12.61 14.13 16.94
CA GLY B 5 -13.56 15.16 16.60
C GLY B 5 -13.03 16.57 16.61
N LEU B 6 -13.85 17.50 17.14
CA LEU B 6 -13.46 18.88 17.32
C LEU B 6 -13.05 19.11 18.77
N SER B 7 -12.53 20.30 19.06
CA SER B 7 -12.16 20.65 20.41
C SER B 7 -12.54 22.10 20.68
N GLU B 8 -13.06 22.35 21.88
CA GLU B 8 -13.49 23.66 22.34
C GLU B 8 -12.40 24.71 22.15
N ALA B 9 -12.82 25.98 22.01
CA ALA B 9 -12.07 27.04 21.34
C ALA B 9 -10.73 27.39 21.97
N LYS B 10 -10.00 28.33 21.34
CA LYS B 10 -8.63 28.73 21.66
C LYS B 10 -8.35 30.16 21.20
N PRO B 11 -7.55 30.93 21.96
CA PRO B 11 -7.24 32.30 21.50
C PRO B 11 -6.49 32.43 20.17
N ALA B 12 -5.19 32.10 20.09
CA ALA B 12 -4.48 32.43 18.85
C ALA B 12 -3.01 32.01 18.84
N THR B 13 -2.58 31.51 17.66
CA THR B 13 -1.25 31.37 17.11
C THR B 13 -1.27 31.98 15.70
N PRO B 14 -0.26 32.74 15.33
CA PRO B 14 -0.22 33.35 13.98
C PRO B 14 0.15 32.40 12.86
N GLU B 15 0.35 31.11 13.12
CA GLU B 15 0.58 30.10 12.09
C GLU B 15 -0.69 29.37 11.67
N ILE B 16 -1.84 29.83 12.19
CA ILE B 16 -3.14 29.64 11.55
C ILE B 16 -3.64 30.97 11.03
N GLN B 17 -2.90 32.03 11.28
CA GLN B 17 -2.95 33.29 10.55
C GLN B 17 -1.93 33.28 9.41
N GLU B 18 -1.70 32.10 8.84
CA GLU B 18 -0.98 31.90 7.58
C GLU B 18 -1.96 31.22 6.65
N ILE B 19 -2.84 30.41 7.25
CA ILE B 19 -3.94 29.79 6.54
C ILE B 19 -5.11 30.74 6.34
N VAL B 20 -5.24 31.77 7.19
CA VAL B 20 -6.23 32.81 6.90
C VAL B 20 -5.79 33.65 5.72
N ASP B 21 -4.48 33.93 5.59
CA ASP B 21 -3.99 34.72 4.47
C ASP B 21 -4.28 34.02 3.16
N LYS B 22 -4.25 32.70 3.14
CA LYS B 22 -4.56 31.90 1.95
C LYS B 22 -6.04 31.89 1.63
N VAL B 23 -6.86 32.72 2.28
CA VAL B 23 -8.29 32.74 1.99
C VAL B 23 -8.54 33.31 0.60
N LYS B 24 -7.97 34.47 0.30
CA LYS B 24 -8.14 35.09 -1.01
C LYS B 24 -7.62 34.22 -2.14
N PRO B 25 -6.49 33.51 -2.00
CA PRO B 25 -6.12 32.52 -3.04
C PRO B 25 -7.15 31.40 -3.23
N GLN B 26 -7.97 31.08 -2.23
CA GLN B 26 -8.93 30.01 -2.38
C GLN B 26 -10.35 30.54 -2.28
N LEU B 27 -10.62 31.63 -3.01
CA LEU B 27 -11.95 32.19 -3.16
C LEU B 27 -12.08 32.63 -4.61
N GLU B 28 -13.18 33.33 -4.91
CA GLU B 28 -13.75 33.46 -6.25
C GLU B 28 -14.51 32.19 -6.62
N GLU B 29 -15.08 31.52 -5.58
CA GLU B 29 -16.09 30.47 -5.68
C GLU B 29 -17.51 31.07 -5.69
N LYS B 30 -17.89 31.75 -4.61
CA LYS B 30 -19.13 32.53 -4.55
C LYS B 30 -18.98 33.84 -3.82
N THR B 31 -17.80 34.46 -3.85
CA THR B 31 -17.47 35.48 -2.86
C THR B 31 -18.31 36.75 -3.00
N ASN B 32 -18.39 37.32 -4.22
CA ASN B 32 -19.24 38.44 -4.65
C ASN B 32 -18.78 39.83 -4.18
N GLU B 33 -17.73 39.93 -3.40
CA GLU B 33 -17.34 41.23 -2.89
C GLU B 33 -15.97 41.62 -3.45
N THR B 34 -15.45 42.76 -2.99
CA THR B 34 -14.17 43.26 -3.44
C THR B 34 -13.06 43.07 -2.42
N TYR B 35 -13.37 42.60 -1.20
CA TYR B 35 -12.38 42.44 -0.14
C TYR B 35 -11.15 41.67 -0.59
N GLY B 36 -10.02 42.36 -0.66
CA GLY B 36 -8.81 41.80 -1.24
C GLY B 36 -7.98 41.08 -0.20
N LYS B 37 -8.65 40.21 0.56
CA LYS B 37 -8.19 39.37 1.66
C LYS B 37 -9.00 39.72 2.90
N LEU B 38 -9.25 38.73 3.74
CA LEU B 38 -10.06 38.89 4.94
C LEU B 38 -9.16 38.93 6.16
N GLU B 39 -9.56 39.70 7.17
CA GLU B 39 -8.80 39.91 8.38
C GLU B 39 -9.38 39.06 9.51
N ALA B 40 -8.49 38.44 10.29
CA ALA B 40 -8.85 37.33 11.17
C ALA B 40 -9.10 37.79 12.61
N VAL B 41 -9.73 36.91 13.40
CA VAL B 41 -10.07 37.20 14.79
C VAL B 41 -9.65 36.09 15.77
N GLN B 42 -10.18 34.87 15.61
CA GLN B 42 -10.04 33.79 16.60
C GLN B 42 -9.50 32.53 15.92
N TYR B 43 -9.45 31.41 16.66
CA TYR B 43 -8.82 30.18 16.16
C TYR B 43 -9.59 28.96 16.65
N LYS B 44 -9.46 27.88 15.89
CA LYS B 44 -10.11 26.59 16.14
C LYS B 44 -9.36 25.54 15.34
N THR B 45 -9.44 24.27 15.76
CA THR B 45 -8.74 23.22 15.03
C THR B 45 -9.49 21.89 15.08
N GLN B 46 -9.26 21.09 14.02
CA GLN B 46 -9.82 19.75 13.86
C GLN B 46 -8.69 18.80 13.48
N VAL B 47 -8.89 17.51 13.77
CA VAL B 47 -7.85 16.51 13.51
C VAL B 47 -8.42 15.25 12.85
N VAL B 48 -8.32 15.22 11.52
CA VAL B 48 -8.85 14.16 10.64
C VAL B 48 -7.71 13.78 9.71
N ALA B 49 -8.02 13.19 8.54
CA ALA B 49 -6.96 12.74 7.64
C ALA B 49 -6.25 13.92 7.02
N GLY B 50 -5.78 14.80 7.90
CA GLY B 50 -5.13 16.04 7.58
C GLY B 50 -5.29 16.90 8.80
N THR B 51 -4.60 18.04 8.80
CA THR B 51 -4.90 19.05 9.79
C THR B 51 -5.82 20.06 9.11
N ASN B 52 -7.11 19.97 9.41
CA ASN B 52 -8.16 20.78 8.81
C ASN B 52 -8.34 22.09 9.54
N TYR B 53 -7.25 22.80 9.84
CA TYR B 53 -7.25 23.96 10.73
C TYR B 53 -8.47 24.85 10.47
N TYR B 54 -9.33 25.06 11.46
CA TYR B 54 -10.48 25.94 11.28
C TYR B 54 -10.07 27.37 11.58
N ILE B 55 -10.66 28.32 10.86
CA ILE B 55 -10.45 29.75 11.15
C ILE B 55 -11.58 30.58 10.54
N LYS B 56 -11.84 31.72 11.18
CA LYS B 56 -12.85 32.72 10.79
C LYS B 56 -12.18 34.05 10.46
N VAL B 57 -12.94 34.97 9.84
CA VAL B 57 -12.44 36.26 9.33
C VAL B 57 -13.50 37.37 9.24
N ARG B 58 -13.14 38.49 8.61
CA ARG B 58 -14.02 39.65 8.46
C ARG B 58 -14.16 39.99 6.96
N ALA B 59 -14.70 41.17 6.66
CA ALA B 59 -15.27 41.53 5.35
C ALA B 59 -15.24 43.02 5.08
N GLY B 60 -16.32 43.52 4.42
CA GLY B 60 -16.56 44.87 4.11
C GLY B 60 -17.36 45.54 5.22
N ASP B 61 -18.69 45.65 5.09
CA ASP B 61 -19.49 46.23 6.18
C ASP B 61 -19.65 45.19 7.31
N ASN B 62 -18.50 44.81 7.85
CA ASN B 62 -18.34 44.15 9.15
C ASN B 62 -19.33 43.02 9.43
N LYS B 63 -19.30 41.97 8.60
CA LYS B 63 -20.04 40.73 8.83
C LYS B 63 -19.07 39.56 8.69
N TYR B 64 -19.06 38.67 9.70
CA TYR B 64 -18.04 37.62 9.88
C TYR B 64 -18.55 36.26 9.38
N MET B 65 -17.79 35.19 9.67
CA MET B 65 -17.97 33.92 8.99
C MET B 65 -17.61 32.74 9.91
N HIS B 66 -17.85 31.53 9.38
CA HIS B 66 -17.50 30.27 10.05
C HIS B 66 -17.23 29.25 8.95
N LEU B 67 -15.95 29.03 8.63
CA LEU B 67 -15.54 28.26 7.46
C LEU B 67 -15.15 26.82 7.84
N ARG B 68 -14.94 25.99 6.79
CA ARG B 68 -14.60 24.57 6.89
C ARG B 68 -13.35 24.23 6.09
N VAL B 69 -12.26 24.96 6.30
CA VAL B 69 -11.03 24.89 5.50
C VAL B 69 -10.30 23.55 5.64
N PHE B 70 -9.22 23.36 4.86
CA PHE B 70 -8.51 22.09 4.80
C PHE B 70 -7.07 22.25 4.30
N LYS B 71 -6.08 21.87 5.12
CA LYS B 71 -4.69 21.81 4.71
C LYS B 71 -4.46 20.42 4.11
N SER B 72 -3.21 19.99 3.91
CA SER B 72 -2.95 18.72 3.27
C SER B 72 -2.35 17.72 4.24
N LEU B 73 -2.56 16.44 3.92
CA LEU B 73 -1.87 15.32 4.54
C LEU B 73 -0.44 15.29 4.03
N PRO B 74 0.43 14.46 4.61
CA PRO B 74 1.84 14.45 4.15
C PRO B 74 1.98 13.85 2.76
N GLY B 75 1.25 14.41 1.79
CA GLY B 75 1.18 13.83 0.46
C GLY B 75 1.81 14.64 -0.65
N GLN B 76 0.95 15.33 -1.40
CA GLN B 76 1.30 15.86 -2.72
C GLN B 76 1.26 17.39 -2.69
N ASN B 77 2.42 18.02 -2.89
CA ASN B 77 2.54 19.44 -3.22
C ASN B 77 1.89 20.37 -2.20
N GLU B 78 1.90 21.69 -2.47
CA GLU B 78 1.33 22.68 -1.54
C GLU B 78 -0.07 23.03 -2.03
N ASP B 79 -1.07 22.29 -1.54
CA ASP B 79 -2.46 22.64 -1.81
C ASP B 79 -3.17 23.02 -0.52
N LEU B 80 -3.82 24.18 -0.55
CA LEU B 80 -4.78 24.63 0.45
C LEU B 80 -6.10 24.86 -0.26
N VAL B 81 -7.19 24.35 0.29
CA VAL B 81 -8.45 24.29 -0.44
C VAL B 81 -9.60 24.85 0.38
N LEU B 82 -10.73 24.99 -0.29
CA LEU B 82 -12.00 25.47 0.27
C LEU B 82 -12.98 24.32 0.22
N THR B 83 -13.52 23.93 1.37
CA THR B 83 -14.56 22.91 1.43
C THR B 83 -15.95 23.53 1.58
N GLY B 84 -16.17 24.29 2.65
CA GLY B 84 -17.41 25.03 2.78
C GLY B 84 -17.22 26.38 3.44
N TYR B 85 -17.61 27.47 2.76
CA TYR B 85 -17.52 28.82 3.30
C TYR B 85 -18.91 29.44 3.38
N GLN B 86 -19.04 30.51 4.17
CA GLN B 86 -20.32 31.21 4.34
C GLN B 86 -20.04 32.58 4.96
N VAL B 87 -21.09 33.42 5.04
CA VAL B 87 -20.93 34.79 5.54
C VAL B 87 -22.22 35.35 6.16
N ASP B 88 -22.18 36.64 6.57
CA ASP B 88 -23.28 37.43 7.14
C ASP B 88 -23.64 37.05 8.59
N LYS B 89 -22.62 36.97 9.46
CA LYS B 89 -22.77 36.49 10.84
C LYS B 89 -22.14 37.49 11.81
N ASN B 90 -22.25 37.18 13.11
CA ASN B 90 -21.77 38.03 14.20
C ASN B 90 -20.49 37.47 14.85
N LYS B 91 -19.76 38.35 15.54
CA LYS B 91 -18.49 38.00 16.18
C LYS B 91 -18.68 37.13 17.42
N ASP B 92 -19.86 37.14 18.01
CA ASP B 92 -20.22 36.34 19.18
C ASP B 92 -20.64 34.93 18.81
N ASP B 93 -21.37 34.78 17.70
CA ASP B 93 -21.65 33.49 17.07
C ASP B 93 -20.38 32.94 16.44
N GLU B 94 -19.97 31.74 16.84
CA GLU B 94 -18.65 31.24 16.49
C GLU B 94 -18.71 30.05 15.53
N LEU B 95 -17.53 29.46 15.29
CA LEU B 95 -17.29 28.53 14.18
C LEU B 95 -18.09 27.24 14.31
N THR B 96 -18.66 26.78 13.20
CA THR B 96 -19.42 25.55 13.15
C THR B 96 -19.23 24.87 11.80
N GLY B 97 -19.97 23.76 11.60
CA GLY B 97 -20.05 23.06 10.34
C GLY B 97 -19.93 21.54 10.44
N PHE B 98 -20.97 20.85 9.97
CA PHE B 98 -21.20 19.39 10.19
C PHE B 98 -21.46 18.59 8.91
N GLN C 1 37.09 -29.83 -14.44
CA GLN C 1 37.83 -29.74 -15.70
C GLN C 1 38.30 -28.31 -15.94
N MET C 2 39.30 -28.14 -16.80
CA MET C 2 40.05 -26.88 -16.91
C MET C 2 39.39 -25.94 -17.92
N ASN C 3 38.59 -25.00 -17.43
CA ASN C 3 37.77 -24.11 -18.27
C ASN C 3 38.16 -22.64 -18.05
N TYR C 4 39.15 -22.18 -18.86
CA TYR C 4 39.43 -20.78 -19.18
C TYR C 4 40.80 -20.36 -18.63
N GLU C 5 40.95 -19.09 -18.23
CA GLU C 5 42.25 -18.47 -17.98
C GLU C 5 43.20 -19.34 -17.17
N GLU C 6 44.30 -19.75 -17.79
CA GLU C 6 45.33 -20.57 -17.14
C GLU C 6 46.68 -20.08 -17.65
N VAL C 7 47.47 -19.45 -16.79
CA VAL C 7 48.82 -19.07 -17.19
C VAL C 7 49.61 -20.33 -17.52
N ILE C 8 50.38 -20.28 -18.59
CA ILE C 8 51.22 -21.41 -18.91
C ILE C 8 52.67 -20.97 -19.08
N LYS C 9 52.91 -19.65 -19.14
CA LYS C 9 54.32 -19.23 -19.17
C LYS C 9 54.70 -18.05 -18.28
N LYS C 10 53.98 -16.92 -18.37
CA LYS C 10 54.53 -15.73 -17.69
C LYS C 10 53.65 -14.55 -17.25
N TYR C 11 52.29 -14.58 -17.33
CA TYR C 11 51.65 -13.24 -17.33
C TYR C 11 50.49 -12.99 -16.34
N LYS C 12 49.57 -13.94 -16.11
CA LYS C 12 48.59 -13.93 -15.00
C LYS C 12 47.30 -13.11 -15.25
N GLY C 13 46.55 -12.79 -14.19
CA GLY C 13 45.27 -12.11 -14.28
C GLY C 13 44.50 -12.19 -12.97
N ASN C 14 43.33 -11.51 -12.96
CA ASN C 14 42.45 -11.48 -11.78
C ASN C 14 41.03 -11.93 -12.11
N GLU C 15 40.82 -13.26 -12.10
CA GLU C 15 39.53 -13.92 -12.34
C GLU C 15 38.72 -13.14 -13.37
N ASN C 16 39.39 -12.79 -14.46
CA ASN C 16 38.86 -11.92 -15.52
C ASN C 16 38.70 -12.73 -16.80
N PHE C 17 38.09 -13.91 -16.66
CA PHE C 17 38.41 -15.03 -17.53
C PHE C 17 38.05 -14.81 -19.00
N ASP C 18 36.90 -14.22 -19.33
CA ASP C 18 36.67 -14.13 -20.78
C ASP C 18 36.62 -12.73 -21.37
N HIS C 19 35.70 -11.89 -20.87
CA HIS C 19 35.30 -10.66 -21.57
C HIS C 19 34.43 -11.05 -22.77
N ALA C 20 33.77 -12.19 -22.66
CA ALA C 20 32.83 -12.70 -23.66
C ALA C 20 31.53 -13.06 -22.92
N ALA C 21 30.66 -13.85 -23.55
CA ALA C 21 29.38 -14.12 -22.91
C ALA C 21 28.70 -15.41 -23.40
N TYR C 22 27.92 -16.02 -22.49
CA TYR C 22 27.05 -17.18 -22.72
C TYR C 22 25.92 -17.07 -21.70
N ASP C 23 24.78 -17.72 -21.99
CA ASP C 23 23.59 -17.54 -21.15
C ASP C 23 23.51 -18.53 -20.01
N TRP C 24 22.85 -18.11 -18.93
CA TRP C 24 22.90 -18.78 -17.63
C TRP C 24 21.57 -19.41 -17.23
N ARG C 25 20.60 -19.50 -18.14
CA ARG C 25 19.50 -20.43 -17.96
C ARG C 25 19.85 -21.81 -18.49
N LEU C 26 20.89 -21.89 -19.32
CA LEU C 26 21.39 -23.09 -19.96
C LEU C 26 22.51 -23.75 -19.17
N HIS C 27 23.45 -22.98 -18.64
CA HIS C 27 24.50 -23.49 -17.77
C HIS C 27 24.06 -23.30 -16.32
N SER C 28 23.21 -24.21 -15.83
CA SER C 28 22.73 -24.14 -14.45
C SER C 28 21.91 -22.88 -14.19
N GLY C 29 20.65 -22.84 -14.65
CA GLY C 29 19.83 -21.71 -14.27
C GLY C 29 18.34 -21.88 -14.53
N VAL C 30 17.61 -20.85 -14.12
CA VAL C 30 16.20 -20.58 -14.47
C VAL C 30 15.26 -21.47 -13.68
N THR C 31 14.09 -20.93 -13.37
CA THR C 31 12.98 -21.54 -12.66
C THR C 31 11.81 -21.38 -13.62
N PRO C 32 10.64 -22.02 -13.39
CA PRO C 32 9.55 -21.87 -14.35
C PRO C 32 8.98 -20.44 -14.47
N VAL C 33 7.96 -20.27 -15.31
CA VAL C 33 7.40 -18.98 -15.69
C VAL C 33 6.01 -18.86 -15.09
N LYS C 34 5.52 -17.62 -14.96
CA LYS C 34 4.28 -17.40 -14.23
C LYS C 34 3.53 -16.17 -14.74
N ASP C 35 2.20 -16.22 -14.60
CA ASP C 35 1.27 -15.17 -15.06
C ASP C 35 0.81 -14.26 -13.93
N GLN C 36 0.76 -12.95 -14.21
CA GLN C 36 0.54 -11.88 -13.23
C GLN C 36 -0.92 -11.49 -13.05
N LYS C 37 -1.77 -11.68 -14.06
CA LYS C 37 -3.20 -11.85 -13.80
C LYS C 37 -3.93 -10.77 -12.99
N ASN C 38 -4.28 -9.64 -13.63
CA ASN C 38 -5.08 -8.57 -13.06
C ASN C 38 -4.55 -8.24 -11.67
N CYS C 39 -3.24 -8.05 -11.61
CA CYS C 39 -2.42 -7.72 -10.45
C CYS C 39 -1.04 -7.38 -11.00
N GLY C 40 -0.47 -6.28 -10.54
CA GLY C 40 0.75 -5.80 -11.16
C GLY C 40 1.97 -6.19 -10.36
N SER C 41 1.79 -7.17 -9.46
CA SER C 41 2.80 -7.47 -8.45
C SER C 41 3.94 -8.23 -9.10
N CYS C 42 4.83 -7.46 -9.75
CA CYS C 42 6.05 -7.97 -10.35
C CYS C 42 7.24 -7.93 -9.41
N TRP C 43 7.26 -6.99 -8.46
CA TRP C 43 8.23 -7.00 -7.38
C TRP C 43 8.29 -8.37 -6.73
N ALA C 44 7.13 -8.86 -6.26
CA ALA C 44 7.01 -10.19 -5.70
C ALA C 44 7.72 -11.22 -6.56
N PHE C 45 7.36 -11.31 -7.83
CA PHE C 45 7.90 -12.35 -8.70
C PHE C 45 9.42 -12.27 -8.73
N SER C 46 9.96 -11.16 -9.25
CA SER C 46 11.41 -11.01 -9.40
C SER C 46 12.12 -11.28 -8.08
N SER C 47 11.58 -10.73 -7.00
CA SER C 47 12.24 -10.77 -5.71
C SER C 47 12.26 -12.18 -5.13
N ILE C 48 11.08 -12.77 -4.93
CA ILE C 48 11.00 -14.12 -4.40
C ILE C 48 11.46 -15.13 -5.43
N GLY C 49 11.44 -14.78 -6.71
CA GLY C 49 12.01 -15.63 -7.73
C GLY C 49 13.52 -15.72 -7.59
N SER C 50 14.17 -14.61 -7.25
CA SER C 50 15.62 -14.62 -7.08
C SER C 50 16.02 -15.51 -5.90
N VAL C 51 15.26 -15.47 -4.80
CA VAL C 51 15.53 -16.39 -3.69
C VAL C 51 15.46 -17.83 -4.17
N GLU C 52 14.39 -18.17 -4.92
CA GLU C 52 14.21 -19.53 -5.37
C GLU C 52 15.22 -19.93 -6.44
N SER C 53 15.60 -18.97 -7.30
CA SER C 53 16.55 -19.27 -8.37
C SER C 53 17.95 -19.42 -7.79
N GLN C 54 18.31 -18.56 -6.85
CA GLN C 54 19.58 -18.72 -6.17
C GLN C 54 19.61 -20.02 -5.38
N TYR C 55 18.44 -20.52 -4.98
CA TYR C 55 18.47 -21.85 -4.41
C TYR C 55 18.93 -22.79 -5.51
N ALA C 56 18.18 -22.95 -6.60
CA ALA C 56 18.50 -23.91 -7.65
C ALA C 56 19.90 -23.74 -8.24
N ILE C 57 20.54 -22.61 -7.95
CA ILE C 57 21.88 -22.32 -8.46
C ILE C 57 22.94 -22.61 -7.40
N ARG C 58 22.82 -21.95 -6.24
CA ARG C 58 23.80 -22.11 -5.17
C ARG C 58 23.82 -23.54 -4.68
N LYS C 59 22.68 -24.00 -4.16
CA LYS C 59 22.45 -25.40 -3.88
C LYS C 59 21.64 -25.98 -5.04
N ASN C 60 21.84 -27.26 -5.35
CA ASN C 60 20.98 -27.84 -6.37
C ASN C 60 19.70 -28.35 -5.71
N LYS C 61 18.96 -27.40 -5.13
CA LYS C 61 17.82 -27.62 -4.24
C LYS C 61 16.48 -27.54 -4.96
N LEU C 62 16.33 -26.59 -5.89
CA LEU C 62 15.14 -26.47 -6.73
C LEU C 62 13.85 -26.15 -5.98
N ILE C 63 13.71 -24.93 -5.46
CA ILE C 63 12.49 -24.52 -4.77
C ILE C 63 11.69 -23.59 -5.70
N THR C 64 10.40 -23.90 -5.89
CA THR C 64 9.50 -23.17 -6.79
C THR C 64 8.55 -22.27 -6.01
N LEU C 65 9.14 -21.55 -5.05
CA LEU C 65 8.54 -20.73 -4.01
C LEU C 65 7.40 -19.81 -4.47
N SER C 66 6.50 -19.47 -3.55
CA SER C 66 5.24 -18.81 -3.87
C SER C 66 5.39 -17.30 -3.99
N GLU C 67 4.27 -16.66 -4.34
CA GLU C 67 4.21 -15.23 -4.58
C GLU C 67 3.11 -14.53 -3.81
N GLN C 68 2.02 -15.22 -3.45
CA GLN C 68 1.01 -14.68 -2.54
C GLN C 68 1.29 -15.01 -1.09
N GLU C 69 2.52 -14.80 -0.67
CA GLU C 69 2.87 -14.71 0.75
C GLU C 69 3.64 -13.43 1.05
N LEU C 70 4.18 -12.77 0.02
CA LEU C 70 4.50 -11.35 0.06
C LEU C 70 3.42 -10.52 -0.63
N VAL C 71 2.40 -11.15 -1.20
CA VAL C 71 1.25 -10.40 -1.70
C VAL C 71 -0.01 -10.97 -1.04
N ASP C 72 0.16 -11.53 0.16
CA ASP C 72 -0.97 -11.66 1.07
C ASP C 72 -0.62 -10.91 2.35
N CYS C 73 0.66 -10.86 2.72
CA CYS C 73 1.12 -9.80 3.60
C CYS C 73 2.62 -9.52 3.49
N SER C 74 2.94 -8.35 2.93
CA SER C 74 4.18 -7.63 3.23
C SER C 74 3.66 -6.24 3.62
N PHE C 75 3.38 -6.07 4.91
CA PHE C 75 2.70 -4.87 5.41
C PHE C 75 3.67 -3.70 5.42
N LYS C 76 4.77 -3.84 4.68
CA LYS C 76 5.66 -2.74 4.33
C LYS C 76 5.57 -2.39 2.84
N ASN C 77 4.80 -3.15 2.06
CA ASN C 77 4.48 -2.81 0.67
C ASN C 77 3.00 -2.52 0.56
N TYR C 78 2.61 -1.79 -0.48
CA TYR C 78 1.30 -1.15 -0.54
C TYR C 78 0.24 -1.95 -1.31
N GLY C 79 0.43 -3.27 -1.46
CA GLY C 79 -0.57 -4.16 -2.03
C GLY C 79 -0.15 -4.88 -3.31
N CYS C 80 -1.14 -5.36 -4.05
CA CYS C 80 -0.96 -5.77 -5.44
C CYS C 80 -0.82 -4.56 -6.34
N ASN C 81 -1.07 -3.39 -5.79
CA ASN C 81 -1.04 -2.10 -6.48
C ASN C 81 0.22 -1.32 -6.13
N GLY C 82 1.19 -1.97 -5.49
CA GLY C 82 2.38 -1.28 -5.03
C GLY C 82 3.39 -2.25 -4.47
N GLY C 83 4.54 -1.69 -4.10
CA GLY C 83 5.67 -2.48 -3.64
C GLY C 83 6.92 -2.12 -4.41
N LEU C 84 8.09 -2.29 -3.82
CA LEU C 84 9.35 -1.90 -4.44
C LEU C 84 10.22 -3.12 -4.61
N ILE C 85 11.43 -2.92 -5.13
CA ILE C 85 12.49 -3.91 -5.06
C ILE C 85 13.69 -3.39 -4.27
N ASN C 86 13.82 -2.08 -4.10
CA ASN C 86 14.82 -1.52 -3.20
C ASN C 86 14.86 -2.29 -1.89
N ASN C 87 13.69 -2.72 -1.40
CA ASN C 87 13.53 -3.47 -0.16
C ASN C 87 12.41 -4.52 -0.24
N ALA C 88 12.39 -5.38 -1.27
CA ALA C 88 11.33 -6.38 -1.43
C ALA C 88 11.70 -7.77 -0.91
N PHE C 89 12.92 -7.97 -0.44
CA PHE C 89 13.39 -9.20 0.17
C PHE C 89 13.83 -8.98 1.60
N GLU C 90 14.08 -7.73 2.00
CA GLU C 90 14.31 -7.32 3.37
C GLU C 90 13.12 -7.59 4.27
N ASP C 91 11.98 -7.96 3.68
CA ASP C 91 10.81 -8.43 4.41
C ASP C 91 10.73 -9.95 4.39
N MET C 92 11.84 -10.64 4.05
CA MET C 92 11.96 -12.07 4.25
C MET C 92 13.24 -12.44 4.98
N ILE C 93 13.97 -11.45 5.49
CA ILE C 93 15.00 -11.62 6.51
C ILE C 93 14.47 -11.17 7.86
N GLU C 94 13.16 -10.97 7.92
CA GLU C 94 12.44 -10.68 9.15
C GLU C 94 11.20 -11.54 9.31
N LEU C 95 10.72 -12.19 8.24
CA LEU C 95 9.54 -13.05 8.24
C LEU C 95 9.86 -14.52 8.43
N GLY C 96 11.14 -14.91 8.39
CA GLY C 96 11.53 -16.29 8.35
C GLY C 96 11.68 -16.84 6.95
N GLY C 97 11.59 -16.00 5.95
CA GLY C 97 11.39 -16.49 4.61
C GLY C 97 9.92 -16.70 4.33
N ILE C 98 9.59 -16.67 3.09
CA ILE C 98 8.21 -16.81 2.65
C ILE C 98 7.83 -18.29 2.63
N CYS C 99 6.56 -18.58 2.89
CA CYS C 99 6.06 -19.95 2.79
C CYS C 99 5.98 -20.38 1.34
N THR C 100 6.13 -21.68 1.10
CA THR C 100 6.52 -22.19 -0.21
C THR C 100 5.37 -22.84 -0.98
N ASP C 101 5.72 -23.29 -2.18
CA ASP C 101 4.84 -23.90 -3.18
C ASP C 101 4.45 -25.32 -2.77
N ASP C 102 3.46 -25.85 -3.50
CA ASP C 102 2.94 -27.21 -3.38
C ASP C 102 2.27 -27.42 -2.02
N ASP C 103 2.31 -26.38 -1.18
CA ASP C 103 1.47 -26.28 -0.01
C ASP C 103 0.75 -24.94 0.05
N TYR C 104 0.90 -24.07 -0.97
CA TYR C 104 0.30 -22.74 -1.07
C TYR C 104 0.46 -22.15 -2.48
N PRO C 105 -0.66 -21.65 -3.11
CA PRO C 105 -0.58 -20.94 -4.41
C PRO C 105 -0.62 -19.42 -4.31
N TYR C 106 -0.55 -18.77 -5.48
CA TYR C 106 -0.96 -17.38 -5.72
C TYR C 106 -2.40 -17.33 -6.20
N VAL C 107 -3.19 -16.37 -5.67
CA VAL C 107 -4.64 -16.30 -5.94
C VAL C 107 -5.21 -14.92 -6.30
N SER C 108 -4.42 -14.06 -6.96
CA SER C 108 -4.96 -12.90 -7.70
C SER C 108 -5.40 -11.73 -6.83
N ASP C 109 -5.40 -11.91 -5.53
CA ASP C 109 -5.71 -10.86 -4.55
C ASP C 109 -7.15 -10.32 -4.57
N ALA C 110 -8.14 -11.19 -4.79
CA ALA C 110 -9.48 -10.82 -4.40
C ALA C 110 -9.42 -10.54 -2.90
N PRO C 111 -9.76 -9.30 -2.42
CA PRO C 111 -9.22 -8.78 -1.15
C PRO C 111 -9.09 -9.82 -0.05
N ASN C 112 -7.84 -10.01 0.39
CA ASN C 112 -7.45 -11.21 1.12
C ASN C 112 -6.56 -10.89 2.32
N LEU C 113 -6.00 -11.94 2.91
CA LEU C 113 -5.35 -11.91 4.22
C LEU C 113 -4.04 -12.68 4.15
N CYS C 114 -3.31 -12.69 5.26
CA CYS C 114 -2.06 -13.45 5.36
C CYS C 114 -2.30 -14.82 5.96
N ASN C 115 -1.50 -15.83 5.50
CA ASN C 115 -1.37 -17.16 6.12
C ASN C 115 0.12 -17.45 6.28
N ILE C 116 0.77 -16.89 7.32
CA ILE C 116 2.22 -16.96 7.40
C ILE C 116 2.74 -17.78 8.57
N ASP C 117 2.10 -17.72 9.75
CA ASP C 117 2.53 -18.60 10.84
C ASP C 117 1.61 -19.81 10.92
N ARG C 118 1.32 -20.33 9.72
CA ARG C 118 0.55 -21.53 9.50
C ARG C 118 1.38 -22.74 9.11
N CYS C 119 2.53 -22.57 8.47
CA CYS C 119 3.21 -23.72 7.89
C CYS C 119 4.34 -24.25 8.78
N THR C 120 4.64 -25.54 8.55
CA THR C 120 5.79 -26.22 9.14
C THR C 120 7.07 -25.97 8.39
N GLU C 121 6.97 -25.60 7.12
CA GLU C 121 8.12 -25.47 6.25
C GLU C 121 8.28 -24.02 5.81
N LYS C 122 9.53 -23.57 5.77
CA LYS C 122 9.86 -22.27 5.20
C LYS C 122 11.26 -22.36 4.64
N TYR C 123 11.52 -21.51 3.66
CA TYR C 123 12.83 -21.36 3.05
C TYR C 123 13.04 -19.87 2.88
N GLY C 124 14.12 -19.33 3.42
CA GLY C 124 14.33 -17.89 3.47
C GLY C 124 15.74 -17.56 3.07
N ILE C 125 16.20 -16.36 3.42
CA ILE C 125 17.50 -15.90 2.99
C ILE C 125 18.37 -15.55 4.19
N LYS C 126 19.67 -15.47 3.92
CA LYS C 126 20.65 -14.95 4.87
C LYS C 126 21.27 -13.64 4.38
N ASN C 127 21.88 -13.63 3.19
CA ASN C 127 22.64 -12.45 2.82
C ASN C 127 21.73 -11.36 2.25
N TYR C 128 22.35 -10.21 1.99
CA TYR C 128 21.64 -9.04 1.48
C TYR C 128 21.61 -9.02 -0.04
N LEU C 129 21.30 -7.84 -0.58
CA LEU C 129 20.97 -7.68 -1.98
C LEU C 129 21.24 -6.26 -2.46
N SER C 130 22.27 -6.09 -3.30
CA SER C 130 22.43 -4.93 -4.16
C SER C 130 23.55 -5.14 -5.17
N VAL C 131 23.23 -5.19 -6.49
CA VAL C 131 24.22 -5.32 -7.50
C VAL C 131 24.44 -3.92 -8.17
N PRO C 132 25.61 -3.34 -8.03
CA PRO C 132 25.88 -2.07 -8.71
C PRO C 132 26.08 -2.27 -10.21
N ASP C 133 25.84 -1.20 -10.96
CA ASP C 133 26.23 -1.22 -12.37
C ASP C 133 27.74 -1.41 -12.53
N ASN C 134 28.52 -1.36 -11.43
CA ASN C 134 29.91 -1.79 -11.39
C ASN C 134 30.03 -3.25 -10.97
N LYS C 135 28.91 -4.00 -10.97
CA LYS C 135 28.92 -5.46 -11.00
C LYS C 135 28.00 -5.97 -12.11
N LEU C 136 27.45 -5.09 -12.93
CA LEU C 136 26.69 -5.43 -14.13
C LEU C 136 27.47 -5.12 -15.41
N LYS C 137 28.80 -5.05 -15.31
CA LYS C 137 29.74 -5.12 -16.41
C LYS C 137 30.25 -6.54 -16.61
N GLU C 138 30.35 -7.29 -15.52
CA GLU C 138 30.49 -8.73 -15.53
C GLU C 138 29.18 -9.40 -15.12
N ALA C 139 28.10 -8.62 -15.02
CA ALA C 139 26.78 -9.02 -14.53
C ALA C 139 26.79 -10.33 -13.77
N LEU C 140 26.69 -11.43 -14.51
CA LEU C 140 26.58 -12.76 -13.92
C LEU C 140 27.95 -13.45 -13.83
N ARG C 141 28.89 -12.74 -13.21
CA ARG C 141 30.13 -13.35 -12.76
C ARG C 141 29.95 -14.02 -11.39
N PHE C 142 28.72 -13.98 -10.86
CA PHE C 142 28.32 -14.78 -9.71
C PHE C 142 27.92 -16.21 -10.06
N LEU C 143 27.64 -16.47 -11.34
CA LEU C 143 26.95 -17.67 -11.82
C LEU C 143 25.50 -17.72 -11.34
N GLY C 144 24.90 -16.56 -11.07
CA GLY C 144 23.55 -16.50 -10.54
C GLY C 144 22.77 -15.21 -10.78
N PRO C 145 21.46 -15.25 -10.50
CA PRO C 145 20.52 -14.24 -11.00
C PRO C 145 20.72 -12.82 -10.45
N ILE C 146 19.93 -11.90 -11.03
CA ILE C 146 19.86 -10.48 -10.67
C ILE C 146 18.41 -10.02 -10.86
N SER C 147 18.05 -8.89 -10.24
CA SER C 147 16.67 -8.40 -10.17
C SER C 147 16.56 -6.94 -10.64
N ILE C 148 17.12 -6.63 -11.82
CA ILE C 148 17.16 -5.27 -12.37
C ILE C 148 15.76 -4.75 -12.71
N SER C 149 15.68 -3.48 -13.13
CA SER C 149 14.43 -2.85 -13.50
C SER C 149 14.40 -2.52 -15.00
N VAL C 150 13.19 -2.54 -15.55
CA VAL C 150 12.96 -2.24 -16.95
C VAL C 150 11.80 -1.25 -17.05
N ALA C 151 11.99 -0.21 -17.86
CA ALA C 151 10.90 0.66 -18.27
C ALA C 151 10.39 0.18 -19.63
N VAL C 152 9.09 0.28 -19.82
CA VAL C 152 8.40 -0.26 -20.97
C VAL C 152 7.93 0.88 -21.84
N SER C 153 8.37 0.91 -23.08
CA SER C 153 7.85 1.88 -24.03
C SER C 153 6.49 1.46 -24.57
N ASP C 154 5.94 0.34 -24.06
CA ASP C 154 4.65 -0.21 -24.40
C ASP C 154 4.70 -0.75 -25.83
N ASP C 155 5.76 -0.38 -26.54
CA ASP C 155 6.29 -1.15 -27.64
C ASP C 155 7.28 -2.19 -27.13
N PHE C 156 6.87 -2.86 -26.03
CA PHE C 156 7.71 -3.81 -25.32
C PHE C 156 7.07 -5.18 -25.29
N ALA C 157 5.82 -5.22 -24.83
CA ALA C 157 5.05 -6.44 -24.65
C ALA C 157 4.47 -6.84 -25.99
N PHE C 158 5.11 -6.38 -27.05
CA PHE C 158 4.58 -6.47 -28.40
C PHE C 158 4.86 -7.81 -29.04
N TYR C 159 5.03 -8.86 -28.24
CA TYR C 159 5.25 -10.21 -28.72
C TYR C 159 6.16 -10.15 -29.93
N LYS C 160 7.31 -9.48 -29.78
CA LYS C 160 8.25 -9.42 -30.88
C LYS C 160 8.86 -10.79 -31.14
N GLU C 161 8.71 -11.71 -30.19
CA GLU C 161 9.16 -13.09 -30.25
C GLU C 161 10.66 -13.16 -30.43
N GLY C 162 11.33 -12.02 -30.30
CA GLY C 162 12.70 -11.77 -30.71
C GLY C 162 13.42 -10.75 -29.86
N ILE C 163 13.89 -9.69 -30.53
CA ILE C 163 14.70 -8.60 -29.99
C ILE C 163 13.91 -7.30 -30.01
N PHE C 164 14.24 -6.39 -29.09
CA PHE C 164 13.74 -5.01 -29.11
C PHE C 164 14.90 -4.05 -28.94
N ASP C 165 14.95 -3.07 -29.80
CA ASP C 165 15.93 -1.99 -29.75
C ASP C 165 15.15 -0.68 -29.65
N GLY C 166 15.59 0.22 -28.79
CA GLY C 166 15.00 1.54 -28.81
C GLY C 166 15.07 2.25 -27.48
N GLU C 167 14.54 3.48 -27.49
CA GLU C 167 14.41 4.34 -26.33
C GLU C 167 13.10 3.97 -25.63
N CYS C 168 13.22 3.32 -24.48
CA CYS C 168 12.13 2.64 -23.77
C CYS C 168 11.19 3.58 -23.04
N GLY C 169 10.48 3.06 -22.05
CA GLY C 169 9.53 3.86 -21.29
C GLY C 169 10.12 5.03 -20.54
N ASP C 170 9.38 5.49 -19.52
CA ASP C 170 9.61 6.77 -18.86
C ASP C 170 10.11 6.67 -17.44
N GLN C 171 9.65 5.66 -16.69
CA GLN C 171 10.00 5.43 -15.31
C GLN C 171 10.10 3.92 -15.13
N LEU C 172 10.87 3.47 -14.14
CA LEU C 172 11.17 2.05 -14.05
C LEU C 172 9.91 1.31 -13.62
N ASN C 173 9.07 0.95 -14.61
CA ASN C 173 7.67 0.58 -14.36
C ASN C 173 7.56 -0.81 -13.76
N HIS C 174 8.14 -1.80 -14.43
CA HIS C 174 7.98 -3.22 -14.16
C HIS C 174 9.29 -3.78 -13.61
N ALA C 175 9.19 -4.94 -12.96
CA ALA C 175 10.34 -5.63 -12.38
C ALA C 175 10.65 -6.86 -13.23
N VAL C 176 11.93 -7.04 -13.56
CA VAL C 176 12.35 -8.07 -14.51
C VAL C 176 13.56 -8.80 -13.97
N MET C 177 13.49 -10.13 -13.97
CA MET C 177 14.63 -10.97 -13.61
C MET C 177 15.72 -10.88 -14.68
N LEU C 178 16.94 -11.21 -14.30
CA LEU C 178 18.06 -11.35 -15.22
C LEU C 178 18.41 -12.82 -15.33
N VAL C 179 17.95 -13.47 -16.41
CA VAL C 179 18.28 -14.87 -16.64
C VAL C 179 19.59 -15.02 -17.39
N GLY C 180 20.26 -13.92 -17.72
CA GLY C 180 21.64 -13.97 -18.15
C GLY C 180 21.96 -12.92 -19.19
N PHE C 181 23.06 -13.17 -19.90
CA PHE C 181 23.45 -12.42 -21.09
C PHE C 181 23.90 -13.42 -22.15
N GLY C 182 23.73 -13.05 -23.43
CA GLY C 182 23.91 -14.07 -24.47
C GLY C 182 25.06 -14.01 -25.47
N MET C 183 25.40 -12.85 -26.04
CA MET C 183 26.45 -12.76 -27.07
C MET C 183 26.18 -13.55 -28.36
N LYS C 184 25.37 -13.01 -29.28
CA LYS C 184 25.14 -13.66 -30.56
C LYS C 184 26.29 -13.42 -31.54
N GLU C 185 26.39 -12.21 -32.10
CA GLU C 185 27.58 -11.71 -32.79
C GLU C 185 28.01 -10.44 -32.07
N ILE C 186 29.09 -9.83 -32.55
CA ILE C 186 29.59 -8.63 -31.90
C ILE C 186 29.26 -7.51 -32.89
N VAL C 187 29.67 -6.28 -32.58
CA VAL C 187 29.22 -5.14 -33.37
C VAL C 187 29.49 -5.36 -34.84
N ASN C 188 28.46 -5.17 -35.67
CA ASN C 188 28.65 -4.97 -37.09
C ASN C 188 28.51 -3.48 -37.38
N PRO C 189 29.64 -2.77 -37.39
CA PRO C 189 29.64 -1.32 -37.21
C PRO C 189 28.99 -0.49 -38.33
N LEU C 190 28.59 0.72 -37.92
CA LEU C 190 27.98 1.74 -38.75
C LEU C 190 28.81 3.01 -38.67
N THR C 191 28.26 4.15 -39.13
CA THR C 191 28.98 5.42 -38.99
C THR C 191 29.39 5.65 -37.55
N LYS C 192 28.44 5.50 -36.63
CA LYS C 192 28.81 5.48 -35.22
C LYS C 192 27.87 4.56 -34.46
N LYS C 193 28.44 3.61 -33.73
CA LYS C 193 27.67 2.64 -32.96
C LYS C 193 26.75 1.79 -33.82
N GLY C 194 27.33 0.86 -34.56
CA GLY C 194 26.61 0.07 -35.53
C GLY C 194 25.68 -0.99 -34.96
N GLU C 195 25.33 -1.95 -35.81
CA GLU C 195 24.29 -2.92 -35.49
C GLU C 195 24.71 -3.78 -34.30
N LYS C 196 23.79 -3.91 -33.35
CA LYS C 196 24.02 -4.70 -32.15
C LYS C 196 23.33 -6.05 -32.34
N HIS C 197 24.12 -7.11 -32.49
CA HIS C 197 23.65 -8.49 -32.51
C HIS C 197 23.71 -9.13 -31.13
N TYR C 198 24.62 -8.63 -30.28
CA TYR C 198 24.71 -8.93 -28.87
C TYR C 198 23.34 -8.83 -28.17
N TYR C 199 23.09 -9.70 -27.18
CA TYR C 199 21.76 -9.71 -26.54
C TYR C 199 21.81 -9.99 -25.03
N TYR C 200 20.65 -9.81 -24.39
CA TYR C 200 20.45 -9.84 -22.94
C TYR C 200 19.13 -10.60 -22.69
N ILE C 201 19.19 -11.82 -22.18
CA ILE C 201 17.96 -12.55 -21.87
C ILE C 201 17.50 -12.18 -20.47
N ILE C 202 16.21 -11.88 -20.33
CA ILE C 202 15.59 -11.45 -19.09
C ILE C 202 14.21 -12.09 -19.00
N LYS C 203 13.91 -12.74 -17.88
CA LYS C 203 12.60 -13.34 -17.69
C LYS C 203 11.59 -12.25 -17.33
N ASN C 204 10.31 -12.60 -17.34
CA ASN C 204 9.29 -11.63 -17.03
C ASN C 204 8.19 -12.24 -16.19
N SER C 205 7.34 -11.37 -15.67
CA SER C 205 6.25 -11.71 -14.79
C SER C 205 4.90 -11.57 -15.45
N TRP C 206 4.87 -11.21 -16.74
CA TRP C 206 3.62 -10.93 -17.43
C TRP C 206 2.87 -12.21 -17.76
N GLY C 207 3.52 -13.13 -18.47
CA GLY C 207 2.84 -14.32 -18.94
C GLY C 207 3.83 -15.41 -19.30
N GLN C 208 3.27 -16.58 -19.59
CA GLN C 208 4.06 -17.76 -19.95
C GLN C 208 4.18 -17.96 -21.46
N GLN C 209 3.31 -17.36 -22.25
CA GLN C 209 3.36 -17.41 -23.70
C GLN C 209 3.50 -15.96 -24.15
N TRP C 210 4.73 -15.46 -24.18
CA TRP C 210 4.95 -14.04 -24.49
C TRP C 210 6.37 -13.86 -25.02
N GLY C 211 6.49 -13.49 -26.29
CA GLY C 211 7.80 -13.27 -26.88
C GLY C 211 8.58 -14.57 -26.94
N GLU C 212 9.80 -14.55 -26.42
CA GLU C 212 10.62 -15.76 -26.36
C GLU C 212 10.08 -16.62 -25.22
N ARG C 213 8.83 -17.07 -25.40
CA ARG C 213 8.09 -18.01 -24.55
C ARG C 213 8.27 -17.74 -23.08
N GLY C 214 8.04 -16.49 -22.67
CA GLY C 214 8.13 -16.09 -21.28
C GLY C 214 9.31 -15.20 -20.96
N PHE C 215 10.12 -14.86 -21.96
CA PHE C 215 11.38 -14.15 -21.80
C PHE C 215 11.45 -13.00 -22.81
N ILE C 216 12.48 -12.17 -22.69
CA ILE C 216 12.67 -11.06 -23.61
C ILE C 216 14.15 -10.75 -23.77
N ASN C 217 14.66 -10.91 -24.99
CA ASN C 217 16.03 -10.53 -25.32
C ASN C 217 16.08 -9.07 -25.76
N ILE C 218 17.06 -8.33 -25.24
CA ILE C 218 17.27 -6.91 -25.51
C ILE C 218 18.73 -6.68 -25.91
N GLU C 219 19.19 -5.43 -25.97
CA GLU C 219 20.42 -5.07 -26.70
C GLU C 219 21.50 -4.37 -25.87
N THR C 220 22.49 -5.13 -25.41
CA THR C 220 23.60 -4.62 -24.61
C THR C 220 24.78 -4.22 -25.51
N ASP C 221 25.82 -3.66 -24.90
CA ASP C 221 27.10 -3.43 -25.57
C ASP C 221 28.08 -4.52 -25.12
N GLU C 222 29.33 -4.43 -25.58
CA GLU C 222 30.39 -5.38 -25.23
C GLU C 222 30.34 -5.66 -23.74
N SER C 223 30.05 -4.62 -22.97
CA SER C 223 30.02 -4.71 -21.52
C SER C 223 28.63 -4.94 -20.94
N GLY C 224 27.72 -4.00 -21.15
CA GLY C 224 26.46 -4.02 -20.43
C GLY C 224 26.11 -2.68 -19.78
N LEU C 225 26.83 -1.62 -20.16
CA LEU C 225 26.66 -0.30 -19.54
C LEU C 225 26.31 0.79 -20.54
N MET C 226 25.85 0.43 -21.75
CA MET C 226 25.48 1.43 -22.74
C MET C 226 24.12 1.14 -23.37
N ARG C 227 23.26 0.40 -22.66
CA ARG C 227 21.89 0.18 -23.10
C ARG C 227 21.10 1.44 -22.80
N LYS C 228 19.79 1.31 -22.75
CA LYS C 228 18.82 2.34 -22.42
C LYS C 228 17.82 1.55 -21.60
N CYS C 229 16.57 2.00 -21.48
CA CYS C 229 15.59 1.26 -20.69
C CYS C 229 15.91 1.28 -19.20
N GLY C 230 16.96 1.99 -18.82
CA GLY C 230 17.35 2.11 -17.43
C GLY C 230 17.56 0.84 -16.66
N LEU C 231 18.22 -0.16 -17.26
CA LEU C 231 18.47 -1.44 -16.60
C LEU C 231 19.89 -1.44 -16.05
N GLY C 232 20.01 -1.86 -14.80
CA GLY C 232 21.20 -1.62 -14.00
C GLY C 232 20.95 -0.64 -12.86
N THR C 233 19.73 -0.10 -12.78
CA THR C 233 19.35 0.85 -11.74
C THR C 233 19.11 0.15 -10.42
N ASP C 234 18.19 -0.81 -10.40
CA ASP C 234 17.78 -1.54 -9.20
C ASP C 234 18.08 -3.02 -9.41
N ALA C 235 19.32 -3.42 -9.15
CA ALA C 235 19.74 -4.81 -9.20
C ALA C 235 19.99 -5.30 -7.78
N PHE C 236 19.47 -6.49 -7.49
CA PHE C 236 19.58 -7.06 -6.15
C PHE C 236 19.74 -8.57 -6.26
N ILE C 237 20.51 -9.14 -5.34
CA ILE C 237 20.94 -10.54 -5.43
C ILE C 237 20.67 -11.28 -4.11
N PRO C 238 19.43 -11.74 -3.86
CA PRO C 238 19.15 -12.44 -2.59
C PRO C 238 19.80 -13.82 -2.45
N LEU C 239 20.65 -13.96 -1.43
CA LEU C 239 21.42 -15.17 -1.18
C LEU C 239 21.10 -15.73 0.20
N ILE C 240 21.34 -17.03 0.35
CA ILE C 240 21.04 -17.74 1.59
C ILE C 240 22.28 -18.44 2.13
N GLU C 241 23.16 -18.83 1.22
CA GLU C 241 24.43 -19.41 1.60
C GLU C 241 25.33 -18.26 2.06
N MET D 1 6.13 3.74 -12.22
CA MET D 1 7.17 4.19 -11.31
C MET D 1 7.41 3.11 -10.26
N ILE D 2 6.41 2.91 -9.42
CA ILE D 2 6.41 1.79 -8.48
C ILE D 2 6.36 0.48 -9.30
N PRO D 3 7.20 -0.52 -9.00
CA PRO D 3 7.03 -1.80 -9.69
C PRO D 3 5.67 -2.36 -9.34
N GLY D 4 4.76 -2.33 -10.30
CA GLY D 4 3.37 -2.69 -10.06
C GLY D 4 2.44 -1.51 -9.86
N GLY D 5 2.96 -0.31 -9.66
CA GLY D 5 2.12 0.86 -9.52
C GLY D 5 2.37 1.90 -10.59
N LEU D 6 2.26 3.18 -10.21
CA LEU D 6 2.30 4.26 -11.18
C LEU D 6 2.83 5.56 -10.59
N SER D 7 2.48 6.66 -11.25
CA SER D 7 2.84 8.03 -10.90
C SER D 7 1.58 8.85 -11.06
N GLU D 8 1.67 10.18 -11.18
CA GLU D 8 0.49 11.03 -11.16
C GLU D 8 -0.35 10.81 -12.43
N ALA D 9 -1.43 11.58 -12.57
CA ALA D 9 -2.40 11.41 -13.65
C ALA D 9 -1.97 12.16 -14.90
N LYS D 10 -2.47 11.70 -16.05
CA LYS D 10 -2.12 12.16 -17.37
C LYS D 10 -3.35 12.67 -18.13
N PRO D 11 -3.17 13.53 -19.13
CA PRO D 11 -4.28 14.27 -19.75
C PRO D 11 -5.11 13.37 -20.65
N ALA D 12 -6.44 13.41 -20.46
CA ALA D 12 -7.32 12.43 -21.08
C ALA D 12 -7.41 12.58 -22.59
N THR D 13 -6.66 11.63 -23.37
CA THR D 13 -6.64 11.53 -24.82
C THR D 13 -7.63 10.47 -25.27
N PRO D 14 -8.14 10.61 -26.49
CA PRO D 14 -9.33 9.85 -26.90
C PRO D 14 -9.20 8.33 -26.86
N GLU D 15 -7.99 7.79 -26.66
CA GLU D 15 -7.86 6.34 -26.72
C GLU D 15 -8.38 5.68 -25.45
N ILE D 16 -8.17 6.31 -24.29
CA ILE D 16 -8.80 5.81 -23.08
C ILE D 16 -10.30 6.02 -23.15
N GLN D 17 -10.77 6.95 -23.98
CA GLN D 17 -12.20 7.12 -24.20
C GLN D 17 -12.79 5.96 -25.00
N GLU D 18 -12.02 5.33 -25.89
CA GLU D 18 -12.57 4.15 -26.56
C GLU D 18 -12.61 2.96 -25.61
N ILE D 19 -11.61 2.86 -24.71
CA ILE D 19 -11.70 1.90 -23.64
C ILE D 19 -12.93 2.18 -22.79
N VAL D 20 -13.31 3.46 -22.68
CA VAL D 20 -14.50 3.84 -21.93
C VAL D 20 -15.73 3.15 -22.48
N ASP D 21 -15.94 3.25 -23.79
CA ASP D 21 -17.17 2.69 -24.33
C ASP D 21 -17.23 1.19 -24.13
N LYS D 22 -16.11 0.50 -24.23
CA LYS D 22 -16.12 -0.92 -23.91
C LYS D 22 -16.52 -1.16 -22.44
N VAL D 23 -16.07 -0.30 -21.53
CA VAL D 23 -16.46 -0.51 -20.13
C VAL D 23 -17.96 -0.37 -19.96
N LYS D 24 -18.61 0.50 -20.75
CA LYS D 24 -20.03 0.74 -20.51
C LYS D 24 -20.94 -0.40 -20.99
N PRO D 25 -20.74 -1.05 -22.20
CA PRO D 25 -21.31 -2.38 -22.39
C PRO D 25 -21.30 -3.29 -21.18
N GLN D 26 -20.14 -3.53 -20.58
CA GLN D 26 -20.13 -4.36 -19.39
C GLN D 26 -21.08 -3.80 -18.33
N LEU D 27 -20.93 -2.51 -17.99
CA LEU D 27 -21.55 -1.84 -16.84
C LEU D 27 -23.07 -1.96 -16.67
N GLU D 28 -23.84 -2.37 -17.69
CA GLU D 28 -25.31 -2.39 -17.57
C GLU D 28 -25.93 -3.78 -17.79
N GLU D 29 -25.80 -4.65 -16.80
CA GLU D 29 -26.76 -5.74 -16.63
C GLU D 29 -26.93 -6.00 -15.14
N LYS D 30 -26.05 -5.38 -14.33
CA LYS D 30 -25.96 -5.66 -12.91
C LYS D 30 -25.72 -4.38 -12.12
N THR D 31 -25.77 -3.24 -12.79
CA THR D 31 -25.72 -1.93 -12.16
C THR D 31 -27.14 -1.40 -12.17
N ASN D 32 -27.61 -0.97 -10.99
CA ASN D 32 -28.95 -0.41 -10.89
C ASN D 32 -29.15 0.69 -11.92
N GLU D 33 -28.08 1.45 -12.18
CA GLU D 33 -28.03 2.53 -13.17
C GLU D 33 -28.13 1.93 -14.56
N THR D 34 -29.32 1.95 -15.16
CA THR D 34 -29.43 1.44 -16.52
C THR D 34 -28.64 2.40 -17.40
N TYR D 35 -27.41 2.00 -17.71
CA TYR D 35 -26.39 2.97 -18.05
C TYR D 35 -26.33 3.20 -19.56
N GLY D 36 -25.28 3.88 -19.97
CA GLY D 36 -25.15 4.35 -21.32
C GLY D 36 -23.81 5.02 -21.51
N LYS D 37 -23.80 6.17 -22.18
CA LYS D 37 -22.58 6.82 -22.65
C LYS D 37 -22.19 7.98 -21.73
N LEU D 38 -20.88 8.18 -21.56
CA LEU D 38 -20.31 9.08 -20.56
C LEU D 38 -19.18 9.88 -21.19
N GLU D 39 -18.48 10.68 -20.37
CA GLU D 39 -17.51 11.66 -20.84
C GLU D 39 -16.27 11.64 -19.95
N ALA D 40 -15.11 11.34 -20.54
CA ALA D 40 -13.90 10.99 -19.78
C ALA D 40 -12.87 12.13 -19.78
N VAL D 41 -12.52 12.61 -18.57
CA VAL D 41 -11.52 13.67 -18.43
C VAL D 41 -10.47 13.42 -17.34
N GLN D 42 -10.06 12.17 -17.09
CA GLN D 42 -8.87 11.90 -16.26
C GLN D 42 -8.51 10.40 -16.30
N TYR D 43 -7.27 10.00 -15.95
CA TYR D 43 -6.91 8.57 -15.92
C TYR D 43 -5.49 8.37 -15.36
N LYS D 44 -5.17 7.10 -15.08
CA LYS D 44 -3.83 6.60 -14.74
C LYS D 44 -3.68 5.17 -15.25
N THR D 45 -2.43 4.75 -15.49
CA THR D 45 -2.18 3.45 -16.11
C THR D 45 -1.06 2.70 -15.38
N GLN D 46 -1.14 1.36 -15.41
CA GLN D 46 -0.34 0.49 -14.55
C GLN D 46 0.32 -0.62 -15.38
N VAL D 47 1.37 -1.22 -14.80
CA VAL D 47 2.12 -2.29 -15.44
C VAL D 47 1.71 -3.68 -14.96
N VAL D 48 0.57 -4.18 -15.45
CA VAL D 48 0.08 -5.49 -15.02
C VAL D 48 0.09 -6.41 -16.22
N ALA D 49 -0.40 -7.65 -16.05
CA ALA D 49 -0.56 -8.49 -17.23
C ALA D 49 -1.71 -7.90 -18.02
N GLY D 50 -1.42 -6.80 -18.71
CA GLY D 50 -2.39 -5.85 -19.22
C GLY D 50 -1.87 -4.45 -18.98
N THR D 51 -2.78 -3.48 -18.93
CA THR D 51 -2.37 -2.09 -18.69
C THR D 51 -3.33 -1.32 -17.79
N ASN D 52 -4.22 -2.05 -17.09
CA ASN D 52 -4.89 -1.59 -15.88
C ASN D 52 -5.18 -0.09 -15.86
N TYR D 53 -6.02 0.36 -16.77
CA TYR D 53 -6.44 1.76 -16.85
C TYR D 53 -7.51 2.05 -15.79
N TYR D 54 -7.59 3.33 -15.39
CA TYR D 54 -8.72 3.86 -14.61
C TYR D 54 -9.38 4.97 -15.42
N ILE D 55 -10.71 5.01 -15.44
CA ILE D 55 -11.40 6.06 -16.18
C ILE D 55 -12.25 6.91 -15.25
N LYS D 56 -11.85 8.17 -15.10
CA LYS D 56 -12.64 9.21 -14.45
C LYS D 56 -13.65 9.72 -15.47
N VAL D 57 -14.91 9.44 -15.21
CA VAL D 57 -16.01 9.92 -16.02
C VAL D 57 -16.94 10.71 -15.12
N ARG D 58 -17.69 11.64 -15.71
CA ARG D 58 -18.55 12.54 -14.96
C ARG D 58 -20.00 12.10 -15.13
N ALA D 59 -20.78 12.19 -14.06
CA ALA D 59 -22.14 11.65 -14.08
C ALA D 59 -22.88 12.09 -12.81
N GLY D 60 -24.19 11.94 -12.85
CA GLY D 60 -25.00 12.20 -11.69
C GLY D 60 -25.29 13.68 -11.49
N ASP D 61 -25.75 14.01 -10.29
CA ASP D 61 -26.18 15.37 -10.02
C ASP D 61 -25.00 16.34 -9.95
N ASN D 62 -24.13 16.18 -8.95
CA ASN D 62 -22.81 16.85 -9.00
C ASN D 62 -21.71 16.04 -8.30
N LYS D 63 -21.57 14.75 -8.63
CA LYS D 63 -20.62 13.90 -7.90
C LYS D 63 -19.36 13.54 -8.68
N TYR D 64 -19.46 12.87 -9.86
CA TYR D 64 -18.37 12.44 -10.75
C TYR D 64 -18.28 10.90 -10.65
N MET D 65 -17.28 10.20 -11.22
CA MET D 65 -17.29 8.73 -11.26
C MET D 65 -15.89 8.16 -11.56
N HIS D 66 -15.72 6.84 -11.31
CA HIS D 66 -14.44 6.15 -11.51
C HIS D 66 -14.58 4.63 -11.77
N LEU D 67 -13.63 4.07 -12.56
CA LEU D 67 -13.70 2.68 -13.05
C LEU D 67 -12.31 2.08 -13.31
N ARG D 68 -12.27 0.76 -13.59
CA ARG D 68 -11.02 0.03 -13.89
C ARG D 68 -11.22 -0.97 -15.03
N VAL D 69 -10.22 -1.06 -15.90
CA VAL D 69 -10.19 -2.04 -16.99
C VAL D 69 -8.73 -2.27 -17.34
N PHE D 70 -8.44 -3.26 -18.20
CA PHE D 70 -7.07 -3.46 -18.67
C PHE D 70 -7.04 -3.80 -20.14
N LYS D 71 -6.39 -2.95 -20.96
CA LYS D 71 -5.95 -3.39 -22.27
C LYS D 71 -5.12 -4.64 -22.05
N SER D 72 -5.67 -5.80 -22.40
CA SER D 72 -4.97 -7.05 -22.09
C SER D 72 -3.67 -7.12 -22.87
N LEU D 73 -2.80 -8.10 -22.56
CA LEU D 73 -1.57 -8.08 -23.32
C LEU D 73 -1.87 -8.58 -24.73
N PRO D 74 -1.01 -8.27 -25.71
CA PRO D 74 -1.36 -8.52 -27.12
C PRO D 74 -1.52 -9.99 -27.46
N GLY D 75 -2.38 -10.68 -26.73
CA GLY D 75 -2.72 -12.03 -27.06
C GLY D 75 -3.63 -12.07 -28.28
N GLN D 76 -4.84 -11.51 -28.15
CA GLN D 76 -5.81 -11.55 -29.25
C GLN D 76 -6.85 -10.44 -29.18
N ASN D 77 -6.61 -9.32 -29.87
CA ASN D 77 -7.52 -8.17 -29.93
C ASN D 77 -7.50 -7.30 -28.67
N GLU D 78 -6.71 -7.69 -27.67
CA GLU D 78 -6.62 -6.96 -26.39
C GLU D 78 -8.00 -6.70 -25.80
N ASP D 79 -8.86 -7.74 -25.86
CA ASP D 79 -10.29 -7.55 -25.69
C ASP D 79 -10.70 -7.30 -24.22
N LEU D 80 -10.33 -6.12 -23.74
CA LEU D 80 -10.50 -5.67 -22.36
C LEU D 80 -11.92 -5.90 -21.82
N VAL D 81 -11.96 -6.46 -20.61
CA VAL D 81 -13.14 -6.47 -19.74
C VAL D 81 -12.69 -5.96 -18.37
N LEU D 82 -13.55 -6.11 -17.35
CA LEU D 82 -13.63 -5.28 -16.14
C LEU D 82 -12.40 -5.42 -15.26
N THR D 83 -12.59 -5.67 -13.96
CA THR D 83 -11.65 -5.59 -12.83
C THR D 83 -11.80 -4.34 -11.96
N GLY D 84 -12.94 -3.68 -12.07
CA GLY D 84 -13.30 -2.74 -11.01
C GLY D 84 -14.58 -1.97 -11.21
N TYR D 85 -15.34 -1.76 -10.13
CA TYR D 85 -16.59 -1.01 -10.18
C TYR D 85 -16.69 -0.11 -8.94
N GLN D 86 -16.48 1.22 -9.11
CA GLN D 86 -16.78 2.19 -8.03
C GLN D 86 -17.54 3.38 -8.62
N VAL D 87 -18.87 3.25 -8.68
CA VAL D 87 -19.70 4.20 -9.40
C VAL D 87 -19.85 5.51 -8.63
N ASP D 88 -20.10 6.59 -9.36
CA ASP D 88 -20.34 7.94 -8.84
C ASP D 88 -19.47 8.24 -7.62
N LYS D 89 -18.16 8.11 -7.84
CA LYS D 89 -17.11 8.45 -6.88
C LYS D 89 -16.38 9.67 -7.44
N ASN D 90 -16.26 10.72 -6.62
CA ASN D 90 -15.92 12.07 -7.08
C ASN D 90 -14.61 12.19 -7.86
N LYS D 91 -14.40 13.36 -8.44
CA LYS D 91 -13.14 13.67 -9.11
C LYS D 91 -11.98 13.82 -8.14
N ASP D 92 -12.19 13.57 -6.84
CA ASP D 92 -11.19 13.88 -5.82
C ASP D 92 -10.82 12.68 -4.95
N ASP D 93 -11.04 11.46 -5.44
CA ASP D 93 -10.62 10.25 -4.75
C ASP D 93 -9.21 9.82 -5.14
N GLU D 94 -8.43 10.75 -5.69
CA GLU D 94 -7.06 10.49 -6.13
C GLU D 94 -6.94 9.32 -7.09
N LEU D 95 -7.96 9.06 -7.91
CA LEU D 95 -7.82 8.03 -8.94
C LEU D 95 -7.58 6.64 -8.33
N THR D 96 -8.68 6.02 -7.92
CA THR D 96 -8.73 4.96 -6.92
C THR D 96 -8.36 3.59 -7.47
N GLY D 97 -8.61 2.58 -6.65
CA GLY D 97 -8.34 1.18 -6.93
C GLY D 97 -9.53 0.32 -6.57
N PHE D 98 -9.98 -0.49 -7.51
CA PHE D 98 -11.29 -1.13 -7.41
C PHE D 98 -11.17 -2.65 -7.51
N LYS E 1 4.03 -26.42 20.42
CA LYS E 1 3.73 -25.91 19.08
C LYS E 1 3.35 -27.07 18.15
N GLU E 2 3.13 -26.77 16.87
CA GLU E 2 2.91 -27.79 15.83
C GLU E 2 4.20 -27.96 15.04
N ILE E 3 4.95 -29.01 15.32
CA ILE E 3 6.25 -29.16 14.67
C ILE E 3 6.42 -30.50 13.97
N VAL E 4 6.34 -31.63 14.68
CA VAL E 4 6.44 -32.91 13.97
C VAL E 4 5.21 -33.78 14.19
N ASN E 5 5.02 -34.21 15.44
CA ASN E 5 3.88 -35.07 15.76
C ASN E 5 2.51 -34.41 15.63
N PRO E 6 2.36 -33.07 15.68
CA PRO E 6 1.00 -32.49 15.58
C PRO E 6 0.38 -32.35 14.18
N LEU E 7 1.15 -31.98 13.15
CA LEU E 7 0.57 -31.45 11.91
C LEU E 7 -0.20 -32.50 11.13
N THR E 8 -1.22 -32.05 10.41
CA THR E 8 -1.96 -32.92 9.51
C THR E 8 -1.55 -32.66 8.08
N LYS E 9 -1.94 -33.61 7.22
CA LYS E 9 -1.72 -33.53 5.78
C LYS E 9 -2.72 -34.44 5.08
N VAL F 1 40.28 2.58 -16.97
CA VAL F 1 40.11 1.28 -17.62
C VAL F 1 40.87 0.19 -16.87
N ASN F 2 40.26 -0.39 -15.84
CA ASN F 2 41.09 -1.37 -15.14
C ASN F 2 40.53 -2.78 -14.90
N PRO F 3 39.79 -3.40 -15.82
CA PRO F 3 39.59 -4.87 -15.68
C PRO F 3 40.52 -5.70 -16.56
N LEU F 4 41.71 -6.02 -16.01
CA LEU F 4 42.84 -6.65 -16.70
C LEU F 4 43.62 -5.74 -17.65
N THR F 5 44.01 -4.56 -17.13
CA THR F 5 44.82 -3.58 -17.87
C THR F 5 46.31 -3.95 -17.80
N LYS F 6 46.71 -4.85 -18.71
CA LYS F 6 48.06 -5.42 -18.76
C LYS F 6 48.98 -4.52 -19.59
N LYS F 7 49.06 -3.25 -19.19
CA LYS F 7 49.82 -2.30 -20.00
C LYS F 7 51.30 -2.39 -19.69
N GLY F 8 52.10 -1.80 -20.57
CA GLY F 8 53.54 -1.94 -20.53
C GLY F 8 54.01 -2.93 -21.57
N GLU F 9 55.13 -3.59 -21.29
CA GLU F 9 55.72 -4.51 -22.26
C GLU F 9 55.01 -5.86 -22.27
#